data_8PLW
#
_entry.id   8PLW
#
_cell.length_a   62.240
_cell.length_b   103.440
_cell.length_c   134.400
_cell.angle_alpha   90.000
_cell.angle_beta   91.960
_cell.angle_gamma   90.000
#
_symmetry.space_group_name_H-M   'P 1 21 1'
#
loop_
_entity.id
_entity.type
_entity.pdbx_description
1 polymer 'Thioredoxin glutathione reductase'
2 non-polymer 'FLAVIN-ADENINE DINUCLEOTIDE'
3 non-polymer 'methyl 4-(4-fluorophenyl)piperazine-1-carboxylate'
4 water water
#
_entity_poly.entity_id   1
_entity_poly.type   'polypeptide(L)'
_entity_poly.pdbx_seq_one_letter_code
;GPPPADGTSQWLRKTVDSAAVILFSKTTCPYCKKVKDVLAEAKIKHATIELDQLSNGSAIQKCLASFSKIETVPQMFVRG
KFIGDSQTVLKYYSNDELAGIVNESKYDYDLIVIGGGSGGLAAGKEAAKYGAKTAVLDYVEPTPIGTTWGLGGTCVNVGC
IPKKLMHQAGLLSHALEDAEHFGWSLDRSKISHNWSTMVEGVQSHIGSLNWGYKVALRDNQVTYLNAKGRLISPHEVQIT
DKNQKVSTITGNKIILATGERPKYPEIPGAVEYGITSDDLFSLPYFPGKTLVIGASYVALECAGFLASLGGDVTVMVRSI
LLRGFDQQMAEKVGDYMENHGVKFAKLCVPDEIKQLKVVDTENNKPGLLLVKGHYTDGKKFEEEFETVIFAVGREPQLSK
VLCETVGVKLDKNGRVVCTDDEQTTVSNVYAIGDINAGKPQLTPVAIQAGRYLARRLFAGATELTDYSNVATTVFTPLEY
GACGLSEEDAIEKYGDKDIEVYHSNFKPLEWTVAHREDNVCYMKLVCRKSDNMRVLGLHVLGPNAGEITQGYAVAIKMGA
TKADFDRTIGIHPTCSETFTTLHVTKKSGVSPIVSGC
;
_entity_poly.pdbx_strand_id   A,B
#
# COMPACT_ATOMS: atom_id res chain seq x y z
N GLY A 7 25.50 5.63 -10.07
CA GLY A 7 25.84 6.20 -11.37
C GLY A 7 24.82 5.79 -12.41
N THR A 8 25.05 4.63 -13.01
CA THR A 8 24.02 4.03 -13.85
C THR A 8 22.77 3.72 -13.03
N SER A 9 22.96 3.27 -11.78
CA SER A 9 21.82 2.92 -10.94
C SER A 9 20.99 4.15 -10.58
N GLN A 10 21.64 5.30 -10.37
CA GLN A 10 20.87 6.50 -10.03
C GLN A 10 20.11 7.04 -11.25
N TRP A 11 20.67 6.89 -12.44
CA TRP A 11 19.93 7.26 -13.65
C TRP A 11 18.70 6.37 -13.84
N LEU A 12 18.85 5.05 -13.62
CA LEU A 12 17.72 4.16 -13.88
C LEU A 12 16.59 4.41 -12.90
N ARG A 13 16.93 4.62 -11.62
CA ARG A 13 15.92 4.92 -10.62
C ARG A 13 15.16 6.20 -10.98
N LYS A 14 15.90 7.22 -11.44
CA LYS A 14 15.25 8.48 -11.82
C LYS A 14 14.37 8.30 -13.06
N THR A 15 14.85 7.54 -14.04
CA THR A 15 14.06 7.31 -15.25
C THR A 15 12.78 6.52 -14.97
N VAL A 16 12.89 5.45 -14.19
CA VAL A 16 11.71 4.62 -13.92
C VAL A 16 10.68 5.38 -13.10
N ASP A 17 11.13 6.23 -12.16
CA ASP A 17 10.20 6.91 -11.27
C ASP A 17 9.30 7.91 -12.01
N SER A 18 9.83 8.62 -13.00
CA SER A 18 9.06 9.71 -13.60
C SER A 18 8.52 9.42 -14.99
N ALA A 19 9.03 8.41 -15.69
CA ALA A 19 8.42 8.02 -16.96
C ALA A 19 6.97 7.60 -16.76
N ALA A 20 6.10 8.03 -17.66
CA ALA A 20 4.70 7.62 -17.59
C ALA A 20 4.52 6.16 -18.02
N VAL A 21 5.01 5.81 -19.22
CA VAL A 21 4.97 4.46 -19.76
C VAL A 21 6.27 4.24 -20.52
N ILE A 22 7.05 3.24 -20.13
CA ILE A 22 8.37 3.03 -20.73
C ILE A 22 8.66 1.54 -20.88
N LEU A 23 9.25 1.18 -22.01
CA LEU A 23 9.56 -0.19 -22.38
C LEU A 23 11.06 -0.31 -22.52
N PHE A 24 11.67 -1.24 -21.79
CA PHE A 24 13.08 -1.57 -21.98
C PHE A 24 13.18 -2.75 -22.94
N SER A 25 14.09 -2.64 -23.90
CA SER A 25 13.95 -3.43 -25.13
C SER A 25 15.32 -3.61 -25.78
N LYS A 26 15.35 -4.45 -26.81
CA LYS A 26 16.52 -4.59 -27.68
C LYS A 26 16.04 -4.68 -29.13
N THR A 27 16.84 -4.10 -30.04
CA THR A 27 16.41 -3.97 -31.44
C THR A 27 16.11 -5.32 -32.06
N THR A 28 16.92 -6.33 -31.75
CA THR A 28 16.72 -7.70 -32.24
C THR A 28 16.14 -8.51 -31.09
N CYS A 29 14.82 -8.51 -30.97
CA CYS A 29 14.14 -9.16 -29.86
C CYS A 29 12.69 -9.38 -30.25
N PRO A 30 12.35 -10.57 -30.78
CA PRO A 30 10.97 -10.78 -31.26
C PRO A 30 9.92 -10.67 -30.17
N TYR A 31 10.26 -11.00 -28.92
CA TYR A 31 9.31 -10.78 -27.83
C TYR A 31 9.08 -9.29 -27.59
N CYS A 32 10.14 -8.48 -27.69
CA CYS A 32 9.99 -7.04 -27.57
C CYS A 32 9.10 -6.50 -28.68
N LYS A 33 9.29 -7.00 -29.90
CA LYS A 33 8.55 -6.52 -31.05
C LYS A 33 7.08 -6.91 -30.94
N LYS A 34 6.79 -8.09 -30.35
CA LYS A 34 5.42 -8.50 -30.07
C LYS A 34 4.76 -7.59 -29.05
N VAL A 35 5.51 -7.14 -28.04
CA VAL A 35 4.95 -6.19 -27.08
C VAL A 35 4.75 -4.83 -27.72
N LYS A 36 5.69 -4.40 -28.56
CA LYS A 36 5.55 -3.12 -29.26
C LYS A 36 4.27 -3.10 -30.08
N ASP A 37 3.89 -4.23 -30.68
CA ASP A 37 2.68 -4.29 -31.49
C ASP A 37 1.41 -4.18 -30.67
N VAL A 38 1.32 -4.94 -29.58
CA VAL A 38 0.16 -4.82 -28.69
C VAL A 38 -0.02 -3.36 -28.27
N LEU A 39 1.05 -2.71 -27.84
CA LEU A 39 0.99 -1.29 -27.58
C LEU A 39 0.79 -0.54 -28.90
N ALA A 40 -0.06 0.47 -28.87
CA ALA A 40 -0.38 1.26 -30.05
C ALA A 40 -1.21 0.48 -31.07
N GLU A 41 -1.31 -0.85 -30.96
CA GLU A 41 -2.54 -1.46 -31.45
C GLU A 41 -3.68 -1.06 -30.53
N ALA A 42 -3.40 -0.99 -29.23
CA ALA A 42 -4.32 -0.40 -28.25
C ALA A 42 -4.16 1.12 -28.15
N LYS A 43 -3.35 1.72 -29.01
CA LYS A 43 -3.10 3.18 -29.00
C LYS A 43 -2.52 3.66 -27.67
N ILE A 44 -1.49 2.95 -27.20
CA ILE A 44 -0.80 3.28 -25.96
C ILE A 44 0.57 3.86 -26.34
N LYS A 45 0.74 5.16 -26.11
CA LYS A 45 2.01 5.84 -26.39
C LYS A 45 2.99 5.62 -25.24
N HIS A 46 4.27 5.50 -25.59
CA HIS A 46 5.28 5.15 -24.59
C HIS A 46 6.66 5.52 -25.09
N ALA A 47 7.57 5.70 -24.14
CA ALA A 47 9.00 5.76 -24.44
C ALA A 47 9.56 4.36 -24.59
N THR A 48 10.66 4.26 -25.34
CA THR A 48 11.38 3.01 -25.53
C THR A 48 12.86 3.27 -25.39
N ILE A 49 13.57 2.37 -24.70
CA ILE A 49 15.02 2.45 -24.56
C ILE A 49 15.60 1.13 -25.07
N GLU A 50 16.39 1.20 -26.14
CA GLU A 50 16.99 0.01 -26.75
C GLU A 50 18.36 -0.23 -26.09
N LEU A 51 18.42 -1.21 -25.19
CA LEU A 51 19.63 -1.43 -24.40
C LEU A 51 20.83 -1.80 -25.25
N ASP A 52 20.62 -2.47 -26.39
CA ASP A 52 21.73 -2.83 -27.27
C ASP A 52 22.35 -1.63 -27.97
N GLN A 53 21.76 -0.44 -27.83
CA GLN A 53 22.29 0.76 -28.47
C GLN A 53 22.92 1.71 -27.46
N LEU A 54 23.20 1.24 -26.24
CA LEU A 54 23.86 2.05 -25.22
C LEU A 54 25.09 1.30 -24.72
N SER A 55 26.16 2.05 -24.42
CA SER A 55 27.42 1.44 -24.03
C SER A 55 27.32 0.73 -22.68
N ASN A 56 26.58 1.32 -21.73
CA ASN A 56 26.34 0.68 -20.44
C ASN A 56 25.03 -0.09 -20.40
N GLY A 57 24.56 -0.55 -21.56
CA GLY A 57 23.31 -1.29 -21.61
C GLY A 57 23.33 -2.57 -20.80
N SER A 58 24.49 -3.24 -20.75
CA SER A 58 24.61 -4.44 -19.93
C SER A 58 24.38 -4.11 -18.46
N ALA A 59 25.08 -3.09 -17.95
CA ALA A 59 24.88 -2.66 -16.57
C ALA A 59 23.43 -2.29 -16.29
N ILE A 60 22.79 -1.57 -17.22
CA ILE A 60 21.39 -1.18 -17.02
C ILE A 60 20.51 -2.42 -16.91
N GLN A 61 20.78 -3.42 -17.74
CA GLN A 61 19.99 -4.64 -17.73
C GLN A 61 20.04 -5.33 -16.36
N LYS A 62 21.25 -5.49 -15.79
CA LYS A 62 21.34 -6.07 -14.45
C LYS A 62 20.67 -5.19 -13.41
N CYS A 63 20.71 -3.88 -13.59
CA CYS A 63 20.13 -2.98 -12.60
C CYS A 63 18.61 -3.03 -12.60
N LEU A 64 17.99 -3.35 -13.75
CA LEU A 64 16.53 -3.47 -13.80
C LEU A 64 16.01 -4.48 -12.79
N ALA A 65 16.80 -5.52 -12.51
CA ALA A 65 16.36 -6.57 -11.59
C ALA A 65 16.08 -6.04 -10.19
N SER A 66 16.68 -4.91 -9.81
CA SER A 66 16.36 -4.30 -8.53
C SER A 66 14.94 -3.77 -8.47
N PHE A 67 14.25 -3.64 -9.60
CA PHE A 67 12.86 -3.21 -9.63
C PHE A 67 11.89 -4.33 -9.94
N SER A 68 12.30 -5.29 -10.77
CA SER A 68 11.42 -6.30 -11.32
C SER A 68 11.74 -7.73 -10.89
N LYS A 69 12.94 -7.96 -10.33
CA LYS A 69 13.49 -9.27 -10.00
C LYS A 69 13.80 -10.10 -11.23
N ILE A 70 13.82 -9.50 -12.43
CA ILE A 70 14.25 -10.19 -13.63
C ILE A 70 15.27 -9.34 -14.39
N GLU A 71 16.09 -10.02 -15.21
CA GLU A 71 17.18 -9.40 -15.94
C GLU A 71 17.03 -9.49 -17.46
N THR A 72 15.88 -9.92 -17.97
CA THR A 72 15.68 -10.08 -19.40
C THR A 72 14.90 -8.89 -19.97
N VAL A 73 14.82 -8.85 -21.29
CA VAL A 73 13.98 -7.88 -22.00
C VAL A 73 12.90 -8.64 -22.77
N PRO A 74 11.69 -8.08 -22.95
CA PRO A 74 11.23 -6.74 -22.58
C PRO A 74 10.82 -6.61 -21.11
N GLN A 75 10.87 -5.39 -20.58
CA GLN A 75 10.25 -5.04 -19.31
C GLN A 75 9.46 -3.76 -19.49
N MET A 76 8.19 -3.78 -19.09
CA MET A 76 7.31 -2.62 -19.21
C MET A 76 7.04 -2.04 -17.83
N PHE A 77 7.17 -0.71 -17.70
CA PHE A 77 6.88 0.01 -16.48
C PHE A 77 5.81 1.07 -16.73
N VAL A 78 5.00 1.34 -15.70
CA VAL A 78 3.99 2.39 -15.73
C VAL A 78 4.13 3.19 -14.43
N ARG A 79 4.53 4.45 -14.55
CA ARG A 79 4.56 5.38 -13.43
C ARG A 79 5.34 4.83 -12.24
N GLY A 80 6.47 4.18 -12.52
CA GLY A 80 7.35 3.68 -11.49
C GLY A 80 7.09 2.25 -11.04
N LYS A 81 6.10 1.58 -11.61
CA LYS A 81 5.72 0.22 -11.23
C LYS A 81 6.04 -0.75 -12.37
N PHE A 82 6.73 -1.84 -12.05
CA PHE A 82 6.93 -2.93 -13.00
C PHE A 82 5.59 -3.59 -13.32
N ILE A 83 5.26 -3.66 -14.59
CA ILE A 83 4.00 -4.26 -15.04
C ILE A 83 4.19 -5.71 -15.48
N GLY A 84 5.21 -5.99 -16.27
CA GLY A 84 5.42 -7.38 -16.64
C GLY A 84 6.38 -7.55 -17.81
N ASP A 85 6.68 -8.81 -18.08
CA ASP A 85 7.41 -9.23 -19.27
C ASP A 85 6.42 -9.50 -20.40
N SER A 86 6.85 -10.20 -21.45
CA SER A 86 5.99 -10.42 -22.62
C SER A 86 4.73 -11.20 -22.25
N GLN A 87 4.88 -12.38 -21.62
CA GLN A 87 3.70 -13.18 -21.33
C GLN A 87 2.68 -12.41 -20.50
N THR A 88 3.17 -11.60 -19.54
CA THR A 88 2.29 -10.90 -18.62
C THR A 88 1.54 -9.74 -19.29
N VAL A 89 2.23 -8.98 -20.13
CA VAL A 89 1.54 -7.89 -20.84
C VAL A 89 0.45 -8.44 -21.75
N LEU A 90 0.79 -9.50 -22.50
CA LEU A 90 -0.20 -10.11 -23.40
C LEU A 90 -1.39 -10.65 -22.61
N LYS A 91 -1.14 -11.21 -21.43
CA LYS A 91 -2.21 -11.66 -20.54
C LYS A 91 -3.15 -10.51 -20.20
N TYR A 92 -2.61 -9.36 -19.81
CA TYR A 92 -3.46 -8.21 -19.49
C TYR A 92 -4.23 -7.74 -20.72
N TYR A 93 -3.61 -7.82 -21.90
CA TYR A 93 -4.25 -7.39 -23.14
C TYR A 93 -5.47 -8.24 -23.46
N SER A 94 -5.29 -9.57 -23.60
CA SER A 94 -6.42 -10.41 -24.00
C SER A 94 -7.47 -10.54 -22.91
N ASN A 95 -7.19 -10.14 -21.67
CA ASN A 95 -8.20 -10.11 -20.62
C ASN A 95 -8.83 -8.72 -20.45
N ASP A 96 -8.49 -7.77 -21.34
CA ASP A 96 -9.05 -6.41 -21.29
C ASP A 96 -8.73 -5.69 -19.98
N GLU A 97 -7.57 -6.00 -19.39
CA GLU A 97 -7.13 -5.32 -18.18
C GLU A 97 -6.05 -4.29 -18.45
N LEU A 98 -5.50 -4.23 -19.68
CA LEU A 98 -4.34 -3.38 -19.94
C LEU A 98 -4.72 -1.89 -19.88
N ALA A 99 -5.84 -1.51 -20.49
CA ALA A 99 -6.20 -0.09 -20.54
C ALA A 99 -6.28 0.50 -19.15
N GLY A 100 -6.83 -0.25 -18.18
CA GLY A 100 -6.90 0.26 -16.82
C GLY A 100 -5.55 0.34 -16.13
N ILE A 101 -4.64 -0.58 -16.46
CA ILE A 101 -3.31 -0.59 -15.87
C ILE A 101 -2.55 0.68 -16.25
N VAL A 102 -2.53 1.01 -17.54
CA VAL A 102 -1.72 2.13 -18.01
C VAL A 102 -2.34 3.49 -17.75
N ASN A 103 -3.60 3.54 -17.33
CA ASN A 103 -4.25 4.78 -16.97
C ASN A 103 -4.32 5.00 -15.46
N GLU A 104 -3.75 4.09 -14.68
CA GLU A 104 -3.75 4.20 -13.23
C GLU A 104 -2.77 5.28 -12.78
N SER A 105 -3.27 6.29 -12.08
CA SER A 105 -2.38 7.34 -11.61
C SER A 105 -2.84 7.91 -10.28
N LYS A 106 -1.86 8.29 -9.46
CA LYS A 106 -2.12 9.08 -8.26
C LYS A 106 -2.68 10.47 -8.60
N TYR A 107 -2.38 10.99 -9.80
CA TYR A 107 -2.74 12.34 -10.19
C TYR A 107 -3.61 12.34 -11.44
N ASP A 108 -4.26 13.48 -11.70
CA ASP A 108 -5.05 13.62 -12.93
C ASP A 108 -4.16 13.60 -14.17
N TYR A 109 -2.99 14.24 -14.11
CA TYR A 109 -2.09 14.41 -15.24
C TYR A 109 -0.67 14.06 -14.85
N ASP A 110 0.07 13.46 -15.78
CA ASP A 110 1.51 13.32 -15.57
C ASP A 110 2.21 14.67 -15.60
N LEU A 111 1.68 15.61 -16.37
CA LEU A 111 2.29 16.93 -16.57
C LEU A 111 1.22 17.98 -16.71
N ILE A 112 1.33 19.07 -15.95
CA ILE A 112 0.53 20.26 -16.19
C ILE A 112 1.49 21.38 -16.58
N VAL A 113 1.27 21.99 -17.76
CA VAL A 113 2.03 23.16 -18.20
C VAL A 113 1.19 24.41 -17.98
N ILE A 114 1.68 25.34 -17.16
CA ILE A 114 1.00 26.62 -16.96
C ILE A 114 1.60 27.63 -17.93
N GLY A 115 0.85 27.96 -18.98
CA GLY A 115 1.25 28.92 -19.99
C GLY A 115 1.41 28.29 -21.37
N GLY A 116 0.65 28.78 -22.35
CA GLY A 116 0.65 28.19 -23.67
C GLY A 116 1.40 29.00 -24.72
N GLY A 117 2.67 29.33 -24.45
CA GLY A 117 3.49 30.07 -25.40
C GLY A 117 4.60 29.25 -26.03
N SER A 118 5.71 29.92 -26.37
CA SER A 118 6.81 29.28 -27.07
C SER A 118 7.33 28.06 -26.30
N GLY A 119 7.72 28.25 -25.04
CA GLY A 119 8.23 27.12 -24.26
C GLY A 119 7.16 26.12 -23.90
N GLY A 120 6.02 26.60 -23.39
CA GLY A 120 5.00 25.69 -22.85
C GLY A 120 4.39 24.77 -23.90
N LEU A 121 4.04 25.31 -25.07
CA LEU A 121 3.52 24.44 -26.13
C LEU A 121 4.55 23.43 -26.58
N ALA A 122 5.82 23.85 -26.67
CA ALA A 122 6.88 22.92 -27.07
C ALA A 122 7.03 21.80 -26.04
N ALA A 123 7.11 22.17 -24.76
CA ALA A 123 7.20 21.15 -23.70
C ALA A 123 6.00 20.21 -23.74
N GLY A 124 4.79 20.76 -23.89
CA GLY A 124 3.61 19.92 -23.77
C GLY A 124 3.51 18.89 -24.88
N LYS A 125 3.76 19.31 -26.13
CA LYS A 125 3.69 18.39 -27.26
C LYS A 125 4.74 17.29 -27.14
N GLU A 126 5.96 17.66 -26.73
CA GLU A 126 7.03 16.67 -26.67
C GLU A 126 6.76 15.62 -25.59
N ALA A 127 6.28 16.03 -24.42
CA ALA A 127 5.97 15.08 -23.35
C ALA A 127 4.88 14.10 -23.78
N ALA A 128 3.84 14.60 -24.44
CA ALA A 128 2.75 13.73 -24.90
C ALA A 128 3.25 12.64 -25.85
N LYS A 129 4.32 12.91 -26.61
CA LYS A 129 4.88 11.91 -27.52
C LYS A 129 5.30 10.63 -26.81
N TYR A 130 5.73 10.72 -25.55
CA TYR A 130 6.19 9.55 -24.81
C TYR A 130 5.15 9.02 -23.83
N GLY A 131 3.89 9.38 -24.00
CA GLY A 131 2.83 8.78 -23.23
C GLY A 131 2.45 9.52 -21.97
N ALA A 132 3.05 10.69 -21.70
CA ALA A 132 2.64 11.47 -20.55
C ALA A 132 1.25 12.07 -20.80
N LYS A 133 0.33 11.86 -19.88
CA LYS A 133 -0.99 12.49 -19.96
C LYS A 133 -0.83 13.96 -19.56
N THR A 134 -1.12 14.86 -20.48
CA THR A 134 -0.64 16.24 -20.43
C THR A 134 -1.77 17.23 -20.58
N ALA A 135 -1.74 18.29 -19.77
CA ALA A 135 -2.62 19.45 -19.92
C ALA A 135 -1.80 20.72 -20.12
N VAL A 136 -2.23 21.56 -21.07
CA VAL A 136 -1.63 22.88 -21.27
C VAL A 136 -2.70 23.94 -20.98
N LEU A 137 -2.39 24.85 -20.06
CA LEU A 137 -3.28 25.95 -19.68
C LEU A 137 -2.79 27.23 -20.34
N ASP A 138 -3.70 27.98 -20.97
CA ASP A 138 -3.33 29.30 -21.48
C ASP A 138 -4.48 30.29 -21.33
N TYR A 139 -4.13 31.50 -20.90
CA TYR A 139 -5.05 32.61 -20.76
C TYR A 139 -4.30 33.90 -21.08
N VAL A 140 -4.98 34.83 -21.74
CA VAL A 140 -4.37 36.12 -22.11
C VAL A 140 -5.10 37.22 -21.37
N GLU A 141 -4.46 37.76 -20.33
CA GLU A 141 -5.06 38.86 -19.58
C GLU A 141 -5.12 40.08 -20.48
N PRO A 142 -6.29 40.70 -20.66
CA PRO A 142 -6.39 41.83 -21.60
C PRO A 142 -5.52 43.00 -21.20
N THR A 143 -5.11 43.79 -22.20
CA THR A 143 -4.37 45.02 -21.95
C THR A 143 -5.32 46.06 -21.35
N PRO A 144 -4.79 47.19 -20.84
CA PRO A 144 -5.68 48.23 -20.28
C PRO A 144 -6.76 48.72 -21.24
N ILE A 145 -6.50 48.75 -22.56
CA ILE A 145 -7.57 49.14 -23.48
C ILE A 145 -8.43 47.96 -23.94
N GLY A 146 -8.12 46.73 -23.50
CA GLY A 146 -8.98 45.59 -23.81
C GLY A 146 -8.44 44.62 -24.83
N THR A 147 -7.25 44.83 -25.37
CA THR A 147 -6.72 43.94 -26.41
C THR A 147 -6.44 42.55 -25.86
N THR A 148 -6.81 41.51 -26.63
CA THR A 148 -6.50 40.13 -26.30
C THR A 148 -6.29 39.37 -27.61
N TRP A 149 -5.86 38.11 -27.53
CA TRP A 149 -5.48 37.32 -28.71
C TRP A 149 -5.53 35.84 -28.35
N GLY A 150 -5.13 34.99 -29.30
CA GLY A 150 -5.31 33.55 -29.20
C GLY A 150 -4.10 32.78 -28.70
N LEU A 151 -4.18 31.46 -28.85
CA LEU A 151 -3.15 30.56 -28.33
C LEU A 151 -1.82 30.74 -29.05
N GLY A 152 -0.72 30.68 -28.28
CA GLY A 152 0.60 30.66 -28.91
C GLY A 152 1.66 31.54 -28.27
N GLY A 153 1.25 32.46 -27.39
CA GLY A 153 2.19 33.26 -26.61
C GLY A 153 2.59 34.57 -27.28
N THR A 154 3.60 35.21 -26.68
CA THR A 154 4.01 36.56 -27.05
C THR A 154 4.59 36.63 -28.46
N CYS A 155 5.51 35.71 -28.79
CA CYS A 155 6.17 35.77 -30.10
C CYS A 155 5.15 35.68 -31.24
N VAL A 156 4.24 34.71 -31.16
CA VAL A 156 3.28 34.42 -32.23
C VAL A 156 2.31 35.59 -32.42
N ASN A 157 1.80 36.15 -31.33
CA ASN A 157 0.69 37.10 -31.37
C ASN A 157 1.10 38.56 -31.31
N VAL A 158 2.13 38.91 -30.52
CA VAL A 158 2.46 40.30 -30.25
C VAL A 158 3.96 40.47 -30.15
N GLY A 159 4.72 39.66 -30.90
CA GLY A 159 6.17 39.67 -30.83
C GLY A 159 6.87 39.37 -32.14
N CYS A 160 7.74 38.35 -32.17
CA CYS A 160 8.64 38.15 -33.31
C CYS A 160 7.89 38.10 -34.63
N ILE A 161 6.75 37.41 -34.68
CA ILE A 161 6.05 37.16 -35.96
C ILE A 161 5.45 38.45 -36.52
N PRO A 162 4.52 39.15 -35.83
CA PRO A 162 4.02 40.40 -36.43
C PRO A 162 5.09 41.47 -36.60
N LYS A 163 6.05 41.57 -35.69
CA LYS A 163 7.04 42.64 -35.84
C LYS A 163 7.93 42.41 -37.06
N LYS A 164 8.28 41.14 -37.37
CA LYS A 164 9.11 40.95 -38.57
C LYS A 164 8.32 41.13 -39.85
N LEU A 165 7.02 40.83 -39.84
CA LEU A 165 6.20 41.07 -41.03
C LEU A 165 6.04 42.57 -41.29
N MET A 166 5.87 43.37 -40.23
CA MET A 166 5.82 44.82 -40.39
C MET A 166 7.17 45.38 -40.85
N HIS A 167 8.26 44.84 -40.31
CA HIS A 167 9.61 45.16 -40.80
C HIS A 167 9.74 44.88 -42.29
N GLN A 168 9.23 43.73 -42.76
CA GLN A 168 9.30 43.41 -44.19
C GLN A 168 8.50 44.42 -45.00
N ALA A 169 7.33 44.84 -44.49
CA ALA A 169 6.58 45.87 -45.17
C ALA A 169 7.41 47.13 -45.32
N GLY A 170 8.19 47.47 -44.28
CA GLY A 170 9.04 48.65 -44.34
C GLY A 170 10.19 48.48 -45.31
N LEU A 171 10.81 47.30 -45.33
CA LEU A 171 11.90 47.03 -46.27
C LEU A 171 11.44 47.16 -47.70
N LEU A 172 10.18 46.81 -47.98
CA LEU A 172 9.71 46.89 -49.36
C LEU A 172 9.65 48.33 -49.87
N SER A 173 9.63 49.33 -48.98
CA SER A 173 9.68 50.72 -49.45
C SER A 173 10.96 51.00 -50.21
N HIS A 174 12.11 50.56 -49.67
CA HIS A 174 13.37 50.79 -50.40
C HIS A 174 13.50 49.86 -51.60
N ALA A 175 12.84 48.71 -51.59
CA ALA A 175 12.81 47.88 -52.79
C ALA A 175 12.09 48.60 -53.94
N LEU A 176 10.99 49.29 -53.63
CA LEU A 176 10.33 50.11 -54.65
C LEU A 176 11.24 51.22 -55.15
N GLU A 177 12.02 51.83 -54.25
CA GLU A 177 12.97 52.86 -54.67
C GLU A 177 14.03 52.26 -55.59
N ASP A 178 14.67 51.18 -55.14
CA ASP A 178 15.74 50.55 -55.91
C ASP A 178 15.26 50.12 -57.30
N ALA A 179 13.99 49.72 -57.42
CA ALA A 179 13.52 49.13 -58.67
C ALA A 179 13.73 50.06 -59.87
N GLU A 180 13.60 51.37 -59.67
CA GLU A 180 13.74 52.29 -60.80
C GLU A 180 15.17 52.28 -61.35
N HIS A 181 16.16 52.26 -60.45
CA HIS A 181 17.55 52.24 -60.88
C HIS A 181 17.91 50.95 -61.61
N PHE A 182 17.26 49.83 -61.29
CA PHE A 182 17.51 48.59 -62.00
C PHE A 182 16.67 48.47 -63.27
N GLY A 183 15.98 49.55 -63.68
CA GLY A 183 15.29 49.56 -64.96
C GLY A 183 13.78 49.41 -64.95
N TRP A 184 13.14 49.27 -63.78
CA TRP A 184 11.68 49.15 -63.73
C TRP A 184 11.03 50.54 -63.78
N SER A 185 9.85 50.62 -64.40
CA SER A 185 9.24 51.90 -64.79
C SER A 185 8.42 52.58 -63.70
N LEU A 186 8.22 51.98 -62.53
CA LEU A 186 7.39 52.59 -61.50
C LEU A 186 7.96 53.93 -61.01
N ASP A 187 7.11 54.72 -60.36
CA ASP A 187 7.49 56.00 -59.75
C ASP A 187 7.18 55.94 -58.26
N ARG A 188 8.23 55.79 -57.44
CA ARG A 188 8.06 55.57 -56.00
C ARG A 188 7.33 56.74 -55.33
N SER A 189 7.52 57.97 -55.81
CA SER A 189 6.95 59.11 -55.10
C SER A 189 5.41 59.16 -55.19
N LYS A 190 4.80 58.35 -56.06
CA LYS A 190 3.36 58.32 -56.24
C LYS A 190 2.69 57.12 -55.55
N ILE A 191 3.41 56.40 -54.71
CA ILE A 191 2.92 55.18 -54.07
C ILE A 191 2.81 55.44 -52.57
N SER A 192 1.71 54.97 -51.97
CA SER A 192 1.45 55.17 -50.55
C SER A 192 1.16 53.82 -49.89
N HIS A 193 1.14 53.83 -48.55
CA HIS A 193 0.91 52.63 -47.75
C HIS A 193 -0.41 52.71 -46.99
N ASN A 194 -1.12 51.59 -46.93
CA ASN A 194 -2.41 51.46 -46.24
C ASN A 194 -2.21 50.54 -45.04
N TRP A 195 -2.22 51.14 -43.85
CA TRP A 195 -1.95 50.42 -42.59
C TRP A 195 -2.95 49.29 -42.37
N SER A 196 -4.25 49.58 -42.50
CA SER A 196 -5.24 48.56 -42.16
C SER A 196 -5.15 47.35 -43.10
N THR A 197 -4.79 47.56 -44.36
CA THR A 197 -4.59 46.41 -45.26
C THR A 197 -3.43 45.54 -44.77
N MET A 198 -2.33 46.17 -44.34
CA MET A 198 -1.22 45.42 -43.76
C MET A 198 -1.67 44.62 -42.54
N VAL A 199 -2.29 45.30 -41.57
CA VAL A 199 -2.71 44.63 -40.32
C VAL A 199 -3.63 43.46 -40.62
N GLU A 200 -4.53 43.61 -41.60
CA GLU A 200 -5.44 42.51 -41.92
C GLU A 200 -4.66 41.29 -42.41
N GLY A 201 -3.62 41.50 -43.21
CA GLY A 201 -2.84 40.36 -43.69
C GLY A 201 -1.99 39.72 -42.59
N VAL A 202 -1.38 40.55 -41.75
CA VAL A 202 -0.63 40.04 -40.59
C VAL A 202 -1.55 39.23 -39.68
N GLN A 203 -2.74 39.78 -39.37
CA GLN A 203 -3.61 39.11 -38.41
C GLN A 203 -4.22 37.84 -38.98
N SER A 204 -4.40 37.77 -40.29
CA SER A 204 -4.85 36.52 -40.89
C SER A 204 -3.79 35.43 -40.75
N HIS A 205 -2.50 35.78 -40.90
CA HIS A 205 -1.46 34.78 -40.66
C HIS A 205 -1.43 34.37 -39.19
N ILE A 206 -1.52 35.33 -38.26
CA ILE A 206 -1.53 34.98 -36.83
C ILE A 206 -2.70 34.05 -36.52
N GLY A 207 -3.87 34.30 -37.11
CA GLY A 207 -5.00 33.41 -36.89
C GLY A 207 -4.74 31.99 -37.34
N SER A 208 -4.03 31.82 -38.46
CA SER A 208 -3.69 30.48 -38.90
C SER A 208 -2.72 29.79 -37.93
N LEU A 209 -1.90 30.56 -37.21
CA LEU A 209 -1.04 29.95 -36.20
C LEU A 209 -1.83 29.56 -34.95
N ASN A 210 -2.71 30.46 -34.47
CA ASN A 210 -3.61 30.10 -33.37
C ASN A 210 -4.31 28.77 -33.65
N TRP A 211 -4.90 28.65 -34.84
CA TRP A 211 -5.64 27.44 -35.20
C TRP A 211 -4.72 26.23 -35.30
N GLY A 212 -3.54 26.42 -35.89
CA GLY A 212 -2.60 25.31 -36.04
C GLY A 212 -2.15 24.74 -34.71
N TYR A 213 -1.97 25.59 -33.70
CA TYR A 213 -1.61 25.07 -32.38
C TYR A 213 -2.75 24.28 -31.75
N LYS A 214 -4.00 24.75 -31.90
CA LYS A 214 -5.11 23.99 -31.33
C LYS A 214 -5.23 22.62 -31.99
N VAL A 215 -4.97 22.55 -33.30
CA VAL A 215 -4.99 21.27 -34.02
C VAL A 215 -3.85 20.39 -33.54
N ALA A 216 -2.67 20.98 -33.36
CA ALA A 216 -1.51 20.21 -32.91
C ALA A 216 -1.76 19.56 -31.56
N LEU A 217 -2.37 20.30 -30.62
CA LEU A 217 -2.62 19.72 -29.30
C LEU A 217 -3.68 18.63 -29.38
N ARG A 218 -4.75 18.85 -30.15
CA ARG A 218 -5.75 17.80 -30.36
C ARG A 218 -5.10 16.53 -30.91
N ASP A 219 -4.28 16.67 -31.95
CA ASP A 219 -3.69 15.51 -32.60
C ASP A 219 -2.63 14.80 -31.75
N ASN A 220 -2.12 15.43 -30.69
CA ASN A 220 -1.20 14.78 -29.75
C ASN A 220 -1.89 14.34 -28.46
N GLN A 221 -3.22 14.41 -28.39
CA GLN A 221 -4.00 14.00 -27.21
C GLN A 221 -3.65 14.83 -25.97
N VAL A 222 -3.31 16.10 -26.18
CA VAL A 222 -3.08 17.06 -25.08
C VAL A 222 -4.39 17.79 -24.77
N THR A 223 -4.75 17.85 -23.49
CA THR A 223 -5.91 18.63 -23.06
C THR A 223 -5.54 20.11 -23.03
N TYR A 224 -6.25 20.93 -23.81
CA TYR A 224 -6.06 22.38 -23.79
C TYR A 224 -7.17 23.03 -22.97
N LEU A 225 -6.79 23.71 -21.89
CA LEU A 225 -7.75 24.46 -21.08
C LEU A 225 -7.47 25.96 -21.26
N ASN A 226 -8.43 26.69 -21.82
CA ASN A 226 -8.33 28.14 -21.94
C ASN A 226 -8.75 28.74 -20.60
N ALA A 227 -7.82 28.68 -19.64
CA ALA A 227 -8.11 29.09 -18.28
C ALA A 227 -6.83 29.58 -17.62
N LYS A 228 -6.99 30.40 -16.59
CA LYS A 228 -5.87 30.90 -15.81
C LYS A 228 -5.53 29.89 -14.72
N GLY A 229 -4.24 29.58 -14.57
CA GLY A 229 -3.77 28.61 -13.59
C GLY A 229 -3.04 29.26 -12.43
N ARG A 230 -3.10 28.61 -11.27
CA ARG A 230 -2.41 29.08 -10.07
C ARG A 230 -1.94 27.86 -9.28
N LEU A 231 -0.64 27.75 -9.04
CA LEU A 231 -0.07 26.66 -8.27
C LEU A 231 -0.30 26.93 -6.78
N ILE A 232 -1.10 26.09 -6.12
CA ILE A 232 -1.47 26.30 -4.72
C ILE A 232 -0.77 25.30 -3.78
N SER A 233 -0.30 24.18 -4.29
CA SER A 233 0.61 23.28 -3.57
C SER A 233 1.45 22.60 -4.62
N PRO A 234 2.47 21.82 -4.21
CA PRO A 234 3.37 21.24 -5.23
C PRO A 234 2.66 20.49 -6.34
N HIS A 235 1.52 19.83 -6.07
CA HIS A 235 0.86 19.02 -7.08
C HIS A 235 -0.55 19.52 -7.44
N GLU A 236 -0.99 20.67 -6.93
CA GLU A 236 -2.36 21.14 -7.13
C GLU A 236 -2.40 22.45 -7.88
N VAL A 237 -3.16 22.50 -8.97
CA VAL A 237 -3.32 23.72 -9.78
C VAL A 237 -4.78 24.14 -9.78
N GLN A 238 -5.03 25.34 -9.29
CA GLN A 238 -6.37 25.93 -9.30
C GLN A 238 -6.60 26.65 -10.62
N ILE A 239 -7.72 26.37 -11.28
CA ILE A 239 -8.02 26.92 -12.60
C ILE A 239 -9.28 27.77 -12.52
N THR A 240 -9.29 28.87 -13.27
CA THR A 240 -10.45 29.76 -13.39
C THR A 240 -10.74 29.94 -14.87
N ASP A 241 -11.96 29.59 -15.30
CA ASP A 241 -12.30 29.60 -16.71
C ASP A 241 -12.95 30.93 -17.09
N LYS A 242 -13.47 31.02 -18.32
CA LYS A 242 -13.96 32.30 -18.82
C LYS A 242 -15.33 32.67 -18.27
N ASN A 243 -15.98 31.78 -17.52
CA ASN A 243 -17.17 32.10 -16.74
C ASN A 243 -16.85 32.27 -15.26
N GLN A 244 -15.57 32.42 -14.92
CA GLN A 244 -15.08 32.55 -13.55
C GLN A 244 -15.43 31.34 -12.67
N LYS A 245 -15.65 30.18 -13.28
CA LYS A 245 -15.80 28.94 -12.51
C LYS A 245 -14.44 28.44 -12.06
N VAL A 246 -14.32 28.07 -10.78
CA VAL A 246 -13.06 27.69 -10.16
C VAL A 246 -13.07 26.20 -9.85
N SER A 247 -11.95 25.52 -10.09
CA SER A 247 -11.81 24.10 -9.79
C SER A 247 -10.32 23.78 -9.65
N THR A 248 -10.01 22.51 -9.34
CA THR A 248 -8.65 22.10 -9.02
C THR A 248 -8.30 20.84 -9.80
N ILE A 249 -7.11 20.82 -10.40
CA ILE A 249 -6.57 19.62 -11.04
C ILE A 249 -5.21 19.32 -10.43
N THR A 250 -4.82 18.04 -10.48
CA THR A 250 -3.55 17.60 -9.92
C THR A 250 -2.65 17.01 -11.00
N GLY A 251 -1.34 17.17 -10.79
CA GLY A 251 -0.36 16.68 -11.73
C GLY A 251 0.90 16.22 -11.03
N ASN A 252 1.55 15.21 -11.61
CA ASN A 252 2.82 14.73 -11.07
C ASN A 252 3.90 15.80 -11.23
N LYS A 253 4.27 16.13 -12.48
CA LYS A 253 5.23 17.19 -12.77
C LYS A 253 4.52 18.47 -13.19
N ILE A 254 5.10 19.62 -12.83
CA ILE A 254 4.55 20.94 -13.14
C ILE A 254 5.62 21.74 -13.89
N ILE A 255 5.26 22.29 -15.05
CA ILE A 255 6.15 23.21 -15.76
C ILE A 255 5.52 24.59 -15.76
N LEU A 256 6.24 25.57 -15.20
CA LEU A 256 5.83 26.97 -15.23
C LEU A 256 6.42 27.64 -16.47
N ALA A 257 5.57 28.24 -17.29
CA ALA A 257 5.98 28.80 -18.58
C ALA A 257 5.10 29.99 -18.94
N THR A 258 4.94 30.92 -18.00
CA THR A 258 3.94 31.99 -18.09
C THR A 258 4.44 33.30 -18.70
N GLY A 259 5.73 33.44 -19.02
CA GLY A 259 6.17 34.63 -19.73
C GLY A 259 6.07 35.93 -18.95
N GLU A 260 6.13 37.03 -19.69
CA GLU A 260 6.15 38.39 -19.15
C GLU A 260 5.15 39.26 -19.91
N ARG A 261 4.93 40.47 -19.40
CA ARG A 261 4.12 41.47 -20.08
C ARG A 261 4.78 42.83 -19.95
N PRO A 262 4.44 43.79 -20.82
CA PRO A 262 5.12 45.09 -20.79
C PRO A 262 4.90 45.89 -19.51
N LYS A 263 5.91 46.68 -19.14
CA LYS A 263 5.81 47.63 -18.03
C LYS A 263 5.29 48.99 -18.50
N TYR A 264 4.64 49.75 -17.59
CA TYR A 264 4.35 51.16 -17.78
C TYR A 264 5.11 52.00 -16.75
N PRO A 265 5.53 53.21 -17.11
CA PRO A 265 6.11 54.10 -16.09
C PRO A 265 5.02 54.65 -15.18
N GLU A 266 5.40 54.93 -13.94
CA GLU A 266 4.49 55.47 -12.93
C GLU A 266 4.36 56.99 -13.10
N ILE A 267 3.69 57.39 -14.18
CA ILE A 267 3.41 58.81 -14.42
C ILE A 267 1.94 59.00 -14.76
N PRO A 268 1.36 60.18 -14.51
CA PRO A 268 -0.05 60.41 -14.86
C PRO A 268 -0.28 60.28 -16.36
N GLY A 269 -1.38 59.60 -16.72
CA GLY A 269 -1.80 59.46 -18.11
C GLY A 269 -1.17 58.31 -18.89
N ALA A 270 -0.17 57.63 -18.35
CA ALA A 270 0.48 56.56 -19.12
C ALA A 270 -0.48 55.42 -19.42
N VAL A 271 -1.07 54.82 -18.38
CA VAL A 271 -1.96 53.68 -18.58
C VAL A 271 -3.21 54.10 -19.34
N GLU A 272 -3.71 55.31 -19.06
CA GLU A 272 -4.98 55.72 -19.63
C GLU A 272 -4.88 56.08 -21.11
N TYR A 273 -3.78 56.70 -21.54
CA TYR A 273 -3.73 57.28 -22.87
C TYR A 273 -2.64 56.73 -23.79
N GLY A 274 -1.64 56.03 -23.27
CA GLY A 274 -0.65 55.38 -24.11
C GLY A 274 -0.96 53.90 -24.37
N ILE A 275 -0.13 53.30 -25.24
CA ILE A 275 -0.25 51.88 -25.61
C ILE A 275 1.12 51.24 -25.49
N THR A 276 1.16 49.91 -25.65
CA THR A 276 2.41 49.16 -25.74
C THR A 276 2.43 48.32 -27.01
N SER A 277 3.52 47.54 -27.17
CA SER A 277 3.60 46.62 -28.29
C SER A 277 2.44 45.62 -28.31
N ASP A 278 1.89 45.28 -27.14
CA ASP A 278 0.75 44.36 -27.07
C ASP A 278 -0.44 44.88 -27.88
N ASP A 279 -0.61 46.21 -27.95
CA ASP A 279 -1.72 46.82 -28.68
C ASP A 279 -1.36 47.13 -30.12
N LEU A 280 -0.08 47.36 -30.43
CA LEU A 280 0.29 47.93 -31.71
C LEU A 280 -0.03 46.98 -32.87
N PHE A 281 0.20 45.67 -32.70
CA PHE A 281 0.17 44.79 -33.86
C PHE A 281 -1.25 44.47 -34.37
N SER A 282 -2.31 44.87 -33.65
CA SER A 282 -3.67 44.74 -34.16
C SER A 282 -4.43 46.07 -34.16
N LEU A 283 -3.72 47.18 -34.06
CA LEU A 283 -4.38 48.50 -33.96
C LEU A 283 -5.24 48.77 -35.20
N PRO A 284 -6.50 49.16 -35.03
CA PRO A 284 -7.38 49.30 -36.21
C PRO A 284 -7.11 50.55 -37.06
N TYR A 285 -6.42 51.56 -36.52
CA TYR A 285 -6.04 52.80 -37.22
C TYR A 285 -4.52 52.95 -37.23
N PHE A 286 -4.00 53.68 -38.21
CA PHE A 286 -2.58 54.02 -38.25
C PHE A 286 -2.25 54.93 -37.04
N PRO A 287 -1.15 54.68 -36.35
CA PRO A 287 -0.82 55.50 -35.16
C PRO A 287 -0.70 57.00 -35.43
N GLY A 288 -0.41 57.40 -36.67
CA GLY A 288 -0.09 58.80 -36.96
C GLY A 288 1.23 59.24 -36.35
N LYS A 289 1.31 60.54 -36.05
CA LYS A 289 2.51 61.07 -35.40
C LYS A 289 2.70 60.40 -34.03
N THR A 290 3.85 59.72 -33.86
CA THR A 290 4.05 58.78 -32.77
C THR A 290 5.28 59.12 -31.96
N LEU A 291 5.16 59.01 -30.64
CA LEU A 291 6.32 59.04 -29.75
C LEU A 291 6.54 57.65 -29.18
N VAL A 292 7.76 57.12 -29.33
CA VAL A 292 8.16 55.87 -28.69
C VAL A 292 9.04 56.23 -27.50
N ILE A 293 8.65 55.80 -26.31
CA ILE A 293 9.42 56.04 -25.08
C ILE A 293 10.15 54.75 -24.73
N GLY A 294 11.48 54.80 -24.71
CA GLY A 294 12.30 53.63 -24.51
C GLY A 294 13.36 53.50 -25.59
N ALA A 295 14.30 52.58 -25.34
CA ALA A 295 15.41 52.43 -26.26
C ALA A 295 15.90 50.98 -26.33
N SER A 296 15.06 50.03 -25.96
CA SER A 296 15.27 48.60 -26.12
C SER A 296 15.16 48.21 -27.60
N TYR A 297 15.47 46.94 -27.89
CA TYR A 297 15.26 46.49 -29.26
C TYR A 297 13.79 46.60 -29.67
N VAL A 298 12.85 46.42 -28.72
CA VAL A 298 11.44 46.56 -29.08
C VAL A 298 11.15 48.00 -29.51
N ALA A 299 11.63 48.97 -28.74
CA ALA A 299 11.46 50.38 -29.07
C ALA A 299 12.02 50.72 -30.44
N LEU A 300 13.27 50.32 -30.72
CA LEU A 300 13.88 50.75 -31.98
C LEU A 300 13.27 50.01 -33.18
N GLU A 301 12.94 48.71 -33.03
CA GLU A 301 12.32 47.98 -34.14
C GLU A 301 10.97 48.60 -34.52
N CYS A 302 10.15 48.95 -33.52
CA CYS A 302 8.85 49.53 -33.83
C CYS A 302 8.96 50.92 -34.42
N ALA A 303 9.81 51.79 -33.85
CA ALA A 303 10.00 53.10 -34.45
C ALA A 303 10.51 52.99 -35.89
N GLY A 304 11.40 52.02 -36.14
CA GLY A 304 11.98 51.88 -37.46
C GLY A 304 10.98 51.54 -38.55
N PHE A 305 10.11 50.54 -38.32
CA PHE A 305 9.19 50.23 -39.40
C PHE A 305 8.08 51.29 -39.52
N LEU A 306 7.66 51.90 -38.41
CA LEU A 306 6.67 52.98 -38.52
C LEU A 306 7.18 54.11 -39.41
N ALA A 307 8.48 54.47 -39.29
CA ALA A 307 9.04 55.51 -40.14
C ALA A 307 9.08 55.08 -41.61
N SER A 308 9.48 53.84 -41.89
CA SER A 308 9.52 53.38 -43.27
C SER A 308 8.14 53.32 -43.91
N LEU A 309 7.07 53.20 -43.12
CA LEU A 309 5.72 53.19 -43.67
C LEU A 309 5.12 54.59 -43.78
N GLY A 310 5.93 55.63 -43.62
CA GLY A 310 5.46 57.00 -43.80
C GLY A 310 5.10 57.74 -42.53
N GLY A 311 5.48 57.24 -41.36
CA GLY A 311 5.13 57.89 -40.11
C GLY A 311 6.13 58.94 -39.65
N ASP A 312 5.61 59.92 -38.90
CA ASP A 312 6.40 60.94 -38.22
C ASP A 312 6.69 60.40 -36.81
N VAL A 313 7.92 59.95 -36.58
CA VAL A 313 8.26 59.14 -35.41
C VAL A 313 9.41 59.80 -34.64
N THR A 314 9.26 59.85 -33.31
CA THR A 314 10.28 60.29 -32.37
C THR A 314 10.50 59.23 -31.31
N VAL A 315 11.76 59.04 -30.91
CA VAL A 315 12.14 58.12 -29.84
C VAL A 315 12.75 58.95 -28.69
N MET A 316 12.19 58.80 -27.49
CA MET A 316 12.69 59.41 -26.26
C MET A 316 13.63 58.46 -25.53
N VAL A 317 14.91 58.82 -25.44
CA VAL A 317 15.96 57.94 -24.90
C VAL A 317 16.40 58.47 -23.52
N ARG A 318 16.19 57.67 -22.48
CA ARG A 318 16.61 58.03 -21.11
C ARG A 318 18.12 58.22 -21.02
N SER A 319 18.89 57.24 -21.50
CA SER A 319 20.36 57.29 -21.39
C SER A 319 21.00 56.83 -22.71
N ILE A 320 21.03 55.51 -22.97
CA ILE A 320 21.71 54.96 -24.15
C ILE A 320 20.74 54.05 -24.92
N LEU A 321 21.13 53.75 -26.16
CA LEU A 321 20.42 52.79 -27.03
C LEU A 321 20.90 51.38 -26.74
N LEU A 322 19.99 50.41 -26.75
CA LEU A 322 20.34 48.98 -26.67
C LEU A 322 21.30 48.68 -25.52
N ARG A 323 20.95 49.14 -24.32
CA ARG A 323 21.74 48.81 -23.12
C ARG A 323 21.93 47.30 -23.02
N GLY A 324 23.17 46.87 -22.81
CA GLY A 324 23.52 45.47 -22.76
C GLY A 324 24.09 44.90 -24.05
N PHE A 325 23.88 45.58 -25.18
CA PHE A 325 24.52 45.26 -26.46
C PHE A 325 25.78 46.12 -26.67
N ASP A 326 26.67 45.63 -27.54
CA ASP A 326 27.88 46.36 -27.95
C ASP A 326 27.54 47.80 -28.34
N GLN A 327 28.14 48.77 -27.64
CA GLN A 327 27.69 50.16 -27.78
C GLN A 327 28.22 50.85 -29.05
N GLN A 328 29.35 50.42 -29.61
CA GLN A 328 29.71 50.90 -30.94
C GLN A 328 28.65 50.49 -31.96
N MET A 329 28.24 49.23 -31.90
CA MET A 329 27.23 48.73 -32.83
C MET A 329 25.89 49.46 -32.61
N ALA A 330 25.49 49.64 -31.36
CA ALA A 330 24.23 50.34 -31.06
C ALA A 330 24.22 51.75 -31.64
N GLU A 331 25.33 52.48 -31.50
CA GLU A 331 25.40 53.84 -32.05
C GLU A 331 25.28 53.85 -33.57
N LYS A 332 25.91 52.87 -34.25
CA LYS A 332 25.76 52.83 -35.71
C LYS A 332 24.32 52.52 -36.12
N VAL A 333 23.64 51.64 -35.37
CA VAL A 333 22.23 51.36 -35.63
C VAL A 333 21.41 52.65 -35.53
N GLY A 334 21.62 53.42 -34.46
CA GLY A 334 20.85 54.64 -34.25
C GLY A 334 21.19 55.73 -35.26
N ASP A 335 22.48 55.87 -35.60
CA ASP A 335 22.85 56.86 -36.60
C ASP A 335 22.17 56.60 -37.93
N TYR A 336 22.09 55.31 -38.34
CA TYR A 336 21.40 55.00 -39.58
C TYR A 336 19.92 55.40 -39.51
N MET A 337 19.28 55.12 -38.37
CA MET A 337 17.86 55.44 -38.20
C MET A 337 17.64 56.94 -38.30
N GLU A 338 18.50 57.72 -37.64
CA GLU A 338 18.36 59.18 -37.66
C GLU A 338 18.60 59.76 -39.05
N ASN A 339 19.51 59.17 -39.82
CA ASN A 339 19.75 59.62 -41.19
C ASN A 339 18.59 59.28 -42.12
N HIS A 340 17.77 58.29 -41.77
CA HIS A 340 16.65 57.86 -42.59
C HIS A 340 15.30 58.16 -41.93
N GLY A 341 15.20 59.28 -41.23
CA GLY A 341 13.91 59.86 -40.87
C GLY A 341 13.33 59.54 -39.50
N VAL A 342 14.10 58.94 -38.58
CA VAL A 342 13.67 58.80 -37.19
C VAL A 342 14.29 59.92 -36.36
N LYS A 343 13.45 60.65 -35.60
CA LYS A 343 13.93 61.70 -34.70
C LYS A 343 14.19 61.14 -33.30
N PHE A 344 15.20 61.69 -32.62
CA PHE A 344 15.61 61.24 -31.29
C PHE A 344 15.61 62.40 -30.30
N ALA A 345 14.96 62.20 -29.15
CA ALA A 345 15.02 63.11 -28.00
C ALA A 345 15.92 62.46 -26.95
N LYS A 346 17.19 62.87 -26.94
CA LYS A 346 18.22 62.17 -26.17
C LYS A 346 18.36 62.73 -24.76
N LEU A 347 18.66 61.83 -23.80
CA LEU A 347 18.81 62.16 -22.38
C LEU A 347 17.54 62.80 -21.82
N CYS A 348 16.39 62.14 -22.06
CA CYS A 348 15.06 62.71 -21.82
C CYS A 348 14.11 61.65 -21.28
N VAL A 349 13.25 62.06 -20.34
CA VAL A 349 12.25 61.16 -19.75
C VAL A 349 10.91 61.86 -19.68
N PRO A 350 9.81 61.10 -19.68
CA PRO A 350 8.48 61.73 -19.63
C PRO A 350 7.97 61.94 -18.20
N ASP A 351 7.25 63.04 -18.00
CA ASP A 351 6.63 63.33 -16.70
C ASP A 351 5.11 63.16 -16.66
N GLU A 352 4.42 63.34 -17.79
CA GLU A 352 2.96 63.31 -17.79
C GLU A 352 2.42 63.27 -19.23
N ILE A 353 1.29 62.58 -19.41
CA ILE A 353 0.57 62.51 -20.68
C ILE A 353 -0.82 63.10 -20.47
N LYS A 354 -1.14 64.16 -21.24
CA LYS A 354 -2.46 64.80 -21.22
C LYS A 354 -3.28 64.48 -22.47
N GLN A 355 -4.58 64.25 -22.26
CA GLN A 355 -5.46 63.91 -23.37
C GLN A 355 -6.08 65.18 -23.94
N LEU A 356 -5.90 65.40 -25.24
CA LEU A 356 -6.49 66.51 -25.96
C LEU A 356 -7.67 66.09 -26.84
N LYS A 357 -7.62 64.87 -27.39
CA LYS A 357 -8.75 64.26 -28.12
C LYS A 357 -8.84 62.78 -27.78
N VAL A 358 -10.08 62.29 -27.60
CA VAL A 358 -10.35 60.86 -27.42
C VAL A 358 -10.23 60.15 -28.76
N VAL A 359 -9.80 58.88 -28.70
CA VAL A 359 -9.71 58.05 -29.91
C VAL A 359 -11.06 58.01 -30.60
N ASP A 360 -11.06 58.22 -31.92
CA ASP A 360 -12.29 58.31 -32.72
C ASP A 360 -12.56 56.93 -33.31
N THR A 361 -13.25 56.09 -32.51
CA THR A 361 -13.50 54.71 -32.92
C THR A 361 -14.49 54.62 -34.07
N GLU A 362 -15.39 55.60 -34.24
CA GLU A 362 -16.27 55.63 -35.40
C GLU A 362 -15.46 55.76 -36.68
N ASN A 363 -14.83 56.92 -36.88
CA ASN A 363 -14.09 57.21 -38.11
C ASN A 363 -12.71 56.55 -38.15
N ASN A 364 -12.36 55.74 -37.16
CA ASN A 364 -11.16 54.92 -37.19
C ASN A 364 -9.89 55.78 -37.28
N LYS A 365 -9.74 56.65 -36.28
CA LYS A 365 -8.68 57.64 -36.20
C LYS A 365 -8.13 57.67 -34.77
N PRO A 366 -6.85 57.98 -34.60
CA PRO A 366 -6.31 58.13 -33.24
C PRO A 366 -6.84 59.39 -32.59
N GLY A 367 -6.55 59.53 -31.30
CA GLY A 367 -6.79 60.77 -30.58
C GLY A 367 -5.64 61.74 -30.72
N LEU A 368 -5.41 62.52 -29.66
CA LEU A 368 -4.35 63.52 -29.63
C LEU A 368 -3.91 63.74 -28.18
N LEU A 369 -2.60 63.84 -27.98
CA LEU A 369 -2.02 63.85 -26.65
C LEU A 369 -0.99 64.96 -26.55
N LEU A 370 -0.83 65.51 -25.35
CA LEU A 370 0.27 66.42 -25.02
C LEU A 370 1.23 65.69 -24.08
N VAL A 371 2.50 65.60 -24.47
CA VAL A 371 3.53 64.94 -23.66
C VAL A 371 4.44 66.00 -23.04
N LYS A 372 4.62 65.94 -21.72
CA LYS A 372 5.54 66.81 -21.00
C LYS A 372 6.62 65.96 -20.34
N GLY A 373 7.88 66.39 -20.47
CA GLY A 373 8.99 65.68 -19.83
C GLY A 373 10.18 66.59 -19.56
N HIS A 374 11.36 66.03 -19.27
CA HIS A 374 12.54 66.88 -19.06
C HIS A 374 13.83 66.17 -19.42
N TYR A 375 14.83 66.96 -19.86
CA TYR A 375 16.18 66.45 -20.12
C TYR A 375 17.00 66.41 -18.85
N THR A 376 18.14 65.68 -18.89
CA THR A 376 18.85 65.41 -17.64
C THR A 376 19.47 66.66 -17.05
N ASP A 377 19.62 67.71 -17.85
CA ASP A 377 20.13 68.98 -17.33
C ASP A 377 19.03 69.88 -16.78
N GLY A 378 17.78 69.42 -16.83
CA GLY A 378 16.66 70.16 -16.30
C GLY A 378 15.82 70.91 -17.33
N LYS A 379 16.29 71.07 -18.56
CA LYS A 379 15.46 71.75 -19.56
C LYS A 379 14.19 70.93 -19.83
N LYS A 380 13.18 71.62 -20.37
CA LYS A 380 11.84 71.05 -20.49
C LYS A 380 11.61 70.45 -21.88
N PHE A 381 10.81 69.38 -21.91
CA PHE A 381 10.28 68.80 -23.15
C PHE A 381 8.77 68.98 -23.15
N GLU A 382 8.21 69.45 -24.26
CA GLU A 382 6.75 69.55 -24.38
C GLU A 382 6.30 69.49 -25.86
N GLU A 384 3.12 67.61 -28.82
CA GLU A 384 1.89 66.88 -29.18
C GLU A 384 2.15 65.65 -30.07
N PHE A 385 1.44 64.54 -29.80
CA PHE A 385 1.52 63.32 -30.60
C PHE A 385 0.15 62.68 -30.68
N GLU A 386 -0.09 61.89 -31.73
CA GLU A 386 -1.35 61.15 -31.83
C GLU A 386 -1.30 59.83 -31.08
N THR A 387 -0.12 59.21 -30.98
CA THR A 387 0.08 57.93 -30.30
C THR A 387 1.36 57.98 -29.47
N VAL A 388 1.31 57.44 -28.27
CA VAL A 388 2.48 57.29 -27.40
C VAL A 388 2.62 55.81 -27.07
N ILE A 389 3.74 55.21 -27.47
CA ILE A 389 4.03 53.79 -27.23
C ILE A 389 5.12 53.69 -26.18
N PHE A 390 4.86 52.96 -25.10
CA PHE A 390 5.84 52.70 -24.06
C PHE A 390 6.53 51.37 -24.34
N ALA A 391 7.86 51.39 -24.43
CA ALA A 391 8.69 50.20 -24.55
C ALA A 391 9.80 50.33 -23.50
N VAL A 392 9.42 50.19 -22.23
CA VAL A 392 10.32 50.48 -21.13
C VAL A 392 10.59 49.22 -20.31
N GLY A 393 10.52 48.06 -20.97
CA GLY A 393 10.86 46.79 -20.35
C GLY A 393 9.65 45.91 -20.12
N ARG A 394 9.93 44.68 -19.71
CA ARG A 394 8.91 43.66 -19.47
C ARG A 394 9.19 42.96 -18.15
N GLU A 395 8.16 42.37 -17.55
CA GLU A 395 8.32 41.76 -16.22
C GLU A 395 7.32 40.63 -16.04
N PRO A 396 7.66 39.61 -15.27
CA PRO A 396 6.69 38.57 -14.93
C PRO A 396 5.83 39.06 -13.79
N GLN A 397 4.75 38.38 -13.54
CA GLN A 397 3.99 38.73 -12.37
C GLN A 397 3.57 37.41 -11.73
N LEU A 398 4.55 36.74 -11.10
CA LEU A 398 4.30 35.40 -10.59
C LEU A 398 3.40 35.40 -9.35
N SER A 399 3.30 36.52 -8.62
CA SER A 399 2.29 36.64 -7.56
C SER A 399 0.93 36.82 -8.23
N LYS A 400 0.42 35.73 -8.78
CA LYS A 400 -0.69 35.68 -9.75
C LYS A 400 -0.74 34.26 -10.28
N VAL A 401 0.44 33.65 -10.33
CA VAL A 401 0.59 32.29 -10.80
C VAL A 401 0.95 31.34 -9.65
N LEU A 402 1.52 31.86 -8.56
CA LEU A 402 2.32 31.06 -7.66
C LEU A 402 2.10 31.53 -6.23
N CYS A 403 1.44 30.72 -5.42
CA CYS A 403 1.23 31.07 -4.02
C CYS A 403 2.54 30.93 -3.25
N GLU A 404 2.81 31.89 -2.37
CA GLU A 404 4.13 31.95 -1.72
C GLU A 404 4.39 30.76 -0.81
N THR A 405 3.33 30.10 -0.32
CA THR A 405 3.48 28.96 0.56
C THR A 405 3.91 27.68 -0.16
N VAL A 406 3.92 27.67 -1.50
CA VAL A 406 4.40 26.48 -2.19
C VAL A 406 5.90 26.30 -2.00
N GLY A 407 6.65 27.40 -1.88
CA GLY A 407 8.06 27.32 -1.63
C GLY A 407 8.96 27.46 -2.84
N VAL A 408 8.45 27.99 -3.95
CA VAL A 408 9.27 28.20 -5.14
C VAL A 408 10.03 29.52 -4.98
N LYS A 409 11.37 29.45 -5.03
CA LYS A 409 12.22 30.61 -4.75
C LYS A 409 12.32 31.52 -5.97
N LEU A 410 12.14 32.83 -5.75
CA LEU A 410 12.32 33.86 -6.75
C LEU A 410 13.53 34.75 -6.42
N ASP A 411 14.07 35.41 -7.46
CA ASP A 411 15.17 36.36 -7.27
C ASP A 411 14.59 37.77 -7.07
N LYS A 412 15.46 38.79 -7.05
CA LYS A 412 15.01 40.16 -6.75
C LYS A 412 14.16 40.77 -7.86
N ASN A 413 14.26 40.27 -9.09
CA ASN A 413 13.41 40.72 -10.19
C ASN A 413 12.11 39.92 -10.31
N GLY A 414 11.89 38.95 -9.43
CA GLY A 414 10.68 38.15 -9.50
C GLY A 414 10.71 37.00 -10.47
N ARG A 415 11.89 36.58 -10.94
CA ARG A 415 12.03 35.41 -11.80
C ARG A 415 12.44 34.19 -10.97
N VAL A 416 12.24 33.00 -11.54
CA VAL A 416 12.39 31.74 -10.79
C VAL A 416 13.85 31.28 -10.82
N VAL A 417 14.39 30.96 -9.65
CA VAL A 417 15.76 30.49 -9.52
C VAL A 417 15.79 28.98 -9.78
N CYS A 418 16.52 28.57 -10.82
CA CYS A 418 16.50 27.19 -11.27
C CYS A 418 17.90 26.61 -11.29
N THR A 419 17.99 25.29 -11.12
CA THR A 419 19.19 24.53 -11.41
C THR A 419 19.41 24.47 -12.93
N ASP A 420 20.56 23.93 -13.32
CA ASP A 420 20.86 23.84 -14.74
C ASP A 420 20.02 22.81 -15.49
N ASP A 421 19.11 22.09 -14.81
CA ASP A 421 18.11 21.25 -15.48
C ASP A 421 16.71 21.81 -15.30
N GLU A 422 16.60 23.11 -15.06
CA GLU A 422 15.35 23.86 -14.93
C GLU A 422 14.54 23.52 -13.67
N GLN A 423 15.12 22.80 -12.71
CA GLN A 423 14.38 22.46 -11.49
C GLN A 423 14.32 23.65 -10.52
N THR A 424 13.14 23.88 -9.94
CA THR A 424 12.97 24.93 -8.93
C THR A 424 13.34 24.36 -7.56
N THR A 425 13.10 25.14 -6.50
CA THR A 425 13.34 24.65 -5.15
C THR A 425 12.27 23.68 -4.67
N VAL A 426 11.23 23.44 -5.47
CA VAL A 426 10.24 22.40 -5.22
C VAL A 426 10.46 21.29 -6.24
N SER A 427 10.61 20.05 -5.77
CA SER A 427 11.36 19.04 -6.52
C SER A 427 10.65 18.61 -7.81
N ASN A 428 9.31 18.62 -7.85
CA ASN A 428 8.54 18.24 -9.02
C ASN A 428 8.17 19.42 -9.92
N VAL A 429 8.61 20.63 -9.61
CA VAL A 429 8.21 21.85 -10.31
C VAL A 429 9.43 22.41 -11.04
N TYR A 430 9.22 22.77 -12.32
CA TYR A 430 10.25 23.27 -13.22
C TYR A 430 9.79 24.59 -13.83
N ALA A 431 10.74 25.37 -14.37
CA ALA A 431 10.40 26.63 -15.04
C ALA A 431 11.24 26.81 -16.30
N ILE A 432 10.61 27.30 -17.38
CA ILE A 432 11.27 27.49 -18.66
C ILE A 432 10.90 28.85 -19.24
N GLY A 433 11.68 29.29 -20.22
CA GLY A 433 11.36 30.51 -20.94
C GLY A 433 11.77 31.77 -20.21
N ASP A 434 11.01 32.84 -20.44
CA ASP A 434 11.45 34.16 -19.99
C ASP A 434 11.51 34.26 -18.46
N ILE A 435 10.71 33.46 -17.73
CA ILE A 435 10.69 33.59 -16.27
C ILE A 435 11.81 32.83 -15.59
N ASN A 436 12.65 32.10 -16.32
CA ASN A 436 13.78 31.38 -15.75
C ASN A 436 14.93 32.38 -15.55
N ALA A 437 15.25 32.68 -14.29
CA ALA A 437 16.18 33.76 -13.97
C ALA A 437 17.54 33.57 -14.65
N GLY A 438 18.10 34.67 -15.16
CA GLY A 438 19.44 34.67 -15.71
C GLY A 438 19.58 34.17 -17.14
N LYS A 439 18.49 33.64 -17.76
CA LYS A 439 18.59 33.06 -19.10
C LYS A 439 18.27 34.06 -20.19
N PRO A 440 18.85 33.93 -21.40
CA PRO A 440 18.45 34.78 -22.52
C PRO A 440 16.96 34.63 -22.81
N GLN A 441 16.30 35.75 -23.08
CA GLN A 441 14.84 35.77 -23.19
C GLN A 441 14.47 35.77 -24.67
N LEU A 442 14.49 34.58 -25.27
CA LEU A 442 14.38 34.40 -26.70
C LEU A 442 13.51 33.18 -26.98
N THR A 443 12.76 33.24 -28.08
CA THR A 443 11.85 32.15 -28.39
C THR A 443 12.56 30.83 -28.66
N PRO A 444 13.62 30.76 -29.47
CA PRO A 444 14.27 29.45 -29.68
C PRO A 444 14.91 28.87 -28.43
N VAL A 445 15.32 29.69 -27.47
CA VAL A 445 15.83 29.16 -26.20
C VAL A 445 14.70 28.47 -25.43
N ALA A 446 13.54 29.12 -25.35
CA ALA A 446 12.42 28.55 -24.61
C ALA A 446 11.95 27.22 -25.22
N ILE A 447 11.91 27.15 -26.56
CA ILE A 447 11.55 25.93 -27.26
C ILE A 447 12.57 24.82 -26.98
N GLN A 448 13.86 25.12 -27.11
CA GLN A 448 14.88 24.11 -26.80
C GLN A 448 14.78 23.65 -25.34
N ALA A 449 14.64 24.59 -24.41
CA ALA A 449 14.54 24.22 -23.00
C ALA A 449 13.34 23.33 -22.75
N GLY A 450 12.19 23.67 -23.34
CA GLY A 450 10.98 22.89 -23.10
C GLY A 450 11.06 21.48 -23.68
N ARG A 451 11.56 21.34 -24.91
CA ARG A 451 11.64 20.02 -25.52
C ARG A 451 12.66 19.14 -24.82
N TYR A 452 13.83 19.70 -24.48
CA TYR A 452 14.86 18.90 -23.83
C TYR A 452 14.39 18.46 -22.43
N LEU A 453 13.68 19.34 -21.71
CA LEU A 453 13.16 18.99 -20.37
C LEU A 453 12.14 17.85 -20.44
N ALA A 454 11.18 17.93 -21.38
CA ALA A 454 10.21 16.85 -21.55
C ALA A 454 10.89 15.50 -21.80
N ARG A 455 11.96 15.48 -22.60
CA ARG A 455 12.65 14.23 -22.86
C ARG A 455 13.33 13.68 -21.61
N ARG A 456 13.90 14.56 -20.78
CA ARG A 456 14.52 14.10 -19.54
C ARG A 456 13.48 13.57 -18.56
N LEU A 457 12.31 14.22 -18.47
CA LEU A 457 11.28 13.77 -17.53
C LEU A 457 10.66 12.45 -17.96
N PHE A 458 10.40 12.26 -19.26
CA PHE A 458 9.54 11.14 -19.65
C PHE A 458 10.19 10.13 -20.58
N ALA A 459 11.42 10.36 -21.05
CA ALA A 459 12.08 9.39 -21.91
C ALA A 459 13.50 9.05 -21.46
N GLY A 460 13.87 9.38 -20.22
CA GLY A 460 15.19 9.03 -19.72
C GLY A 460 16.35 9.72 -20.40
N ALA A 461 16.11 10.81 -21.13
CA ALA A 461 17.22 11.54 -21.74
C ALA A 461 18.05 12.24 -20.67
N THR A 462 19.27 12.62 -21.04
CA THR A 462 20.17 13.33 -20.15
C THR A 462 20.63 14.69 -20.65
N GLU A 463 20.37 15.03 -21.92
CA GLU A 463 20.95 16.22 -22.52
C GLU A 463 20.36 17.48 -21.89
N LEU A 464 21.23 18.42 -21.55
CA LEU A 464 20.85 19.72 -21.00
C LEU A 464 20.83 20.77 -22.10
N THR A 465 20.05 21.83 -21.87
CA THR A 465 20.11 23.02 -22.73
C THR A 465 21.38 23.84 -22.45
N ASP A 466 22.06 24.26 -23.53
CA ASP A 466 23.25 25.12 -23.44
C ASP A 466 22.84 26.57 -23.73
N TYR A 467 22.95 27.43 -22.72
CA TYR A 467 22.53 28.83 -22.82
C TYR A 467 23.67 29.79 -23.19
N SER A 468 24.86 29.29 -23.51
CA SER A 468 25.98 30.20 -23.76
C SER A 468 26.11 30.53 -25.26
N ASN A 469 26.56 31.75 -25.53
CA ASN A 469 26.87 32.22 -26.89
C ASN A 469 25.67 32.09 -27.84
N VAL A 470 24.47 32.38 -27.33
CA VAL A 470 23.27 32.30 -28.16
C VAL A 470 23.18 33.54 -29.03
N ALA A 471 23.13 33.36 -30.35
CA ALA A 471 23.11 34.49 -31.28
C ALA A 471 21.77 35.23 -31.23
N THR A 472 21.82 36.51 -31.64
CA THR A 472 20.69 37.44 -31.66
C THR A 472 20.68 38.22 -32.95
N THR A 473 19.50 38.76 -33.31
CA THR A 473 19.43 39.77 -34.37
C THR A 473 18.38 40.80 -34.02
N VAL A 474 18.76 42.07 -34.10
CA VAL A 474 17.88 43.22 -33.93
C VAL A 474 17.41 43.65 -35.30
N PHE A 475 16.08 43.64 -35.53
CA PHE A 475 15.55 43.86 -36.88
C PHE A 475 15.16 45.33 -37.07
N THR A 476 16.15 46.19 -36.82
CA THR A 476 16.04 47.61 -37.14
C THR A 476 16.13 47.80 -38.65
N PRO A 477 15.85 49.02 -39.17
CA PRO A 477 15.83 49.21 -40.63
C PRO A 477 17.08 48.73 -41.35
N LEU A 478 18.26 49.02 -40.81
CA LEU A 478 19.47 48.26 -41.12
C LEU A 478 19.71 47.28 -39.96
N GLU A 479 19.71 45.98 -40.26
CA GLU A 479 19.69 44.95 -39.21
C GLU A 479 21.06 44.76 -38.54
N TYR A 480 21.03 44.28 -37.29
CA TYR A 480 22.23 44.08 -36.46
C TYR A 480 22.24 42.67 -35.85
N GLY A 481 23.17 41.83 -36.32
CA GLY A 481 23.32 40.48 -35.80
C GLY A 481 24.58 40.36 -34.96
N ALA A 482 24.52 39.49 -33.93
CA ALA A 482 25.65 39.32 -33.03
C ALA A 482 25.64 37.90 -32.44
N CYS A 483 26.84 37.42 -32.08
CA CYS A 483 27.01 36.16 -31.33
C CYS A 483 28.23 36.28 -30.43
N GLY A 484 28.05 36.15 -29.12
CA GLY A 484 29.16 36.21 -28.16
C GLY A 484 29.28 37.56 -27.48
N LEU A 485 30.49 37.85 -27.01
CA LEU A 485 30.71 39.05 -26.19
C LEU A 485 30.73 40.33 -27.03
N SER A 486 30.24 41.41 -26.44
CA SER A 486 30.56 42.74 -26.96
C SER A 486 32.04 43.04 -26.75
N GLU A 487 32.53 44.03 -27.49
CA GLU A 487 33.94 44.38 -27.37
C GLU A 487 34.27 44.91 -25.97
N GLU A 488 33.41 45.78 -25.40
CA GLU A 488 33.69 46.29 -24.06
C GLU A 488 33.65 45.19 -23.00
N ASP A 489 32.77 44.19 -23.15
CA ASP A 489 32.75 43.08 -22.19
C ASP A 489 33.99 42.21 -22.30
N ALA A 490 34.50 42.01 -23.52
CA ALA A 490 35.71 41.21 -23.68
C ALA A 490 36.91 41.89 -23.06
N ILE A 491 37.02 43.21 -23.24
CA ILE A 491 38.11 44.00 -22.67
C ILE A 491 38.05 44.00 -21.15
N GLU A 492 36.84 44.14 -20.59
CA GLU A 492 36.69 44.11 -19.13
C GLU A 492 37.11 42.76 -18.55
N LYS A 493 36.83 41.67 -19.26
CA LYS A 493 37.10 40.33 -18.74
C LYS A 493 38.58 39.95 -18.87
N TYR A 494 39.26 40.39 -19.94
CA TYR A 494 40.58 39.88 -20.24
C TYR A 494 41.67 40.94 -20.28
N GLY A 495 41.31 42.22 -20.27
CA GLY A 495 42.27 43.30 -20.43
C GLY A 495 42.49 43.68 -21.87
N ASP A 496 42.66 44.98 -22.12
CA ASP A 496 42.78 45.51 -23.49
C ASP A 496 43.97 44.90 -24.25
N LYS A 497 45.08 44.59 -23.58
CA LYS A 497 46.25 44.09 -24.30
C LYS A 497 46.08 42.64 -24.76
N ASP A 498 45.13 41.91 -24.19
CA ASP A 498 44.83 40.56 -24.65
C ASP A 498 43.71 40.50 -25.69
N ILE A 499 43.18 41.63 -26.15
CA ILE A 499 42.09 41.67 -27.13
C ILE A 499 42.58 42.29 -28.43
N GLU A 500 42.30 41.62 -29.55
CA GLU A 500 42.54 42.13 -30.89
C GLU A 500 41.20 42.19 -31.62
N VAL A 501 40.92 43.30 -32.31
CA VAL A 501 39.66 43.45 -33.05
C VAL A 501 39.99 43.62 -34.53
N TYR A 502 39.47 42.71 -35.37
CA TYR A 502 39.54 42.85 -36.82
C TYR A 502 38.21 43.41 -37.31
N HIS A 503 38.25 44.38 -38.24
CA HIS A 503 37.01 45.03 -38.67
C HIS A 503 37.11 45.58 -40.09
N SER A 504 35.95 45.84 -40.70
CA SER A 504 35.83 46.35 -42.06
C SER A 504 34.43 46.92 -42.28
N ASN A 505 34.37 48.04 -42.98
CA ASN A 505 33.14 48.43 -43.67
C ASN A 505 32.94 47.56 -44.91
N PHE A 506 31.71 47.55 -45.43
CA PHE A 506 31.41 46.88 -46.69
C PHE A 506 30.19 47.51 -47.34
N LYS A 507 30.02 47.23 -48.64
CA LYS A 507 28.88 47.70 -49.42
C LYS A 507 28.23 46.52 -50.13
N PRO A 508 26.95 46.22 -49.85
CA PRO A 508 26.27 45.16 -50.60
C PRO A 508 26.28 45.47 -52.09
N LEU A 509 26.53 44.44 -52.91
CA LEU A 509 26.52 44.65 -54.36
C LEU A 509 25.18 45.22 -54.84
N GLU A 510 24.07 44.76 -54.23
CA GLU A 510 22.72 45.26 -54.50
C GLU A 510 22.61 46.78 -54.30
N TRP A 511 23.46 47.38 -53.48
CA TRP A 511 23.39 48.82 -53.22
C TRP A 511 24.15 49.67 -54.25
N THR A 512 24.93 49.07 -55.15
CA THR A 512 25.76 49.87 -56.06
C THR A 512 24.91 50.58 -57.11
N VAL A 513 24.20 49.80 -57.93
CA VAL A 513 23.33 50.37 -58.96
C VAL A 513 22.22 51.21 -58.32
N ALA A 514 21.85 50.91 -57.07
CA ALA A 514 20.81 51.64 -56.36
C ALA A 514 21.32 52.94 -55.72
N HIS A 515 22.61 53.23 -55.82
CA HIS A 515 23.22 54.41 -55.19
C HIS A 515 22.93 54.51 -53.69
N GLU A 517 24.45 53.93 -49.70
CA GLU A 517 25.62 54.44 -48.97
C GLU A 517 26.83 53.51 -49.01
N ASP A 518 28.02 54.12 -49.04
CA ASP A 518 29.26 53.39 -49.30
C ASP A 518 29.82 52.71 -48.05
N ASN A 519 29.74 53.36 -46.90
CA ASN A 519 30.50 52.98 -45.71
C ASN A 519 29.61 52.99 -44.47
N VAL A 520 28.45 52.38 -44.57
CA VAL A 520 27.53 52.29 -43.43
C VAL A 520 27.47 50.89 -42.87
N CYS A 521 27.42 49.87 -43.74
CA CYS A 521 27.50 48.50 -43.24
C CYS A 521 28.88 48.23 -42.67
N TYR A 522 28.94 47.38 -41.65
CA TYR A 522 30.13 47.23 -40.80
C TYR A 522 30.14 45.86 -40.13
N MET A 523 31.34 45.28 -39.96
CA MET A 523 31.46 44.01 -39.24
C MET A 523 32.80 43.94 -38.53
N LYS A 524 32.84 43.17 -37.43
CA LYS A 524 34.05 42.99 -36.63
C LYS A 524 34.03 41.63 -35.94
N LEU A 525 35.24 41.12 -35.67
CA LEU A 525 35.49 39.93 -34.85
C LEU A 525 36.33 40.35 -33.66
N VAL A 526 35.87 40.05 -32.45
CA VAL A 526 36.56 40.37 -31.20
C VAL A 526 37.27 39.11 -30.72
N CYS A 527 38.62 39.13 -30.64
CA CYS A 527 39.40 37.91 -30.48
C CYS A 527 40.35 38.00 -29.28
N ARG A 528 40.70 36.83 -28.72
CA ARG A 528 41.56 36.72 -27.54
C ARG A 528 42.96 36.25 -27.97
N LYS A 529 43.95 37.15 -27.83
CA LYS A 529 45.30 36.88 -28.32
C LYS A 529 45.91 35.65 -27.66
N SER A 530 45.79 35.55 -26.34
CA SER A 530 46.46 34.49 -25.59
C SER A 530 45.76 33.14 -25.69
N ASP A 531 44.63 33.06 -26.40
CA ASP A 531 43.96 31.78 -26.63
C ASP A 531 43.86 31.51 -28.13
N ASN A 532 45.01 31.51 -28.81
CA ASN A 532 45.10 31.23 -30.25
C ASN A 532 44.14 32.09 -31.07
N MET A 533 43.93 33.34 -30.65
CA MET A 533 43.05 34.28 -31.35
C MET A 533 41.62 33.74 -31.46
N ARG A 534 41.13 33.15 -30.35
CA ARG A 534 39.76 32.65 -30.25
C ARG A 534 38.77 33.76 -30.56
N VAL A 535 37.73 33.45 -31.34
CA VAL A 535 36.69 34.46 -31.61
C VAL A 535 35.78 34.53 -30.38
N LEU A 536 35.84 35.64 -29.64
CA LEU A 536 34.98 35.85 -28.49
C LEU A 536 33.61 36.42 -28.86
N GLY A 537 33.56 37.24 -29.90
CA GLY A 537 32.33 37.88 -30.35
C GLY A 537 32.37 38.25 -31.82
N LEU A 538 31.24 38.08 -32.50
CA LEU A 538 31.04 38.41 -33.91
C LEU A 538 29.89 39.43 -34.02
N HIS A 539 30.05 40.46 -34.85
CA HIS A 539 29.07 41.55 -34.95
C HIS A 539 28.92 41.99 -36.40
N VAL A 540 27.69 42.15 -36.88
CA VAL A 540 27.49 42.60 -38.26
C VAL A 540 26.26 43.52 -38.36
N LEU A 541 26.44 44.64 -39.06
CA LEU A 541 25.38 45.60 -39.35
C LEU A 541 25.19 45.60 -40.87
N GLY A 542 24.03 45.13 -41.35
CA GLY A 542 23.79 45.06 -42.78
C GLY A 542 22.50 44.34 -43.15
N PRO A 543 22.17 44.28 -44.43
CA PRO A 543 20.96 43.54 -44.83
C PRO A 543 21.08 42.08 -44.49
N ASN A 544 19.93 41.46 -44.16
CA ASN A 544 19.83 40.01 -43.92
C ASN A 544 20.79 39.55 -42.81
N ALA A 545 20.96 40.38 -41.77
CA ALA A 545 21.99 40.12 -40.77
C ALA A 545 21.73 38.84 -39.98
N GLY A 546 20.45 38.44 -39.84
CA GLY A 546 20.19 37.18 -39.15
C GLY A 546 20.56 35.97 -39.99
N GLU A 547 20.32 36.03 -41.30
CA GLU A 547 20.77 34.96 -42.18
C GLU A 547 22.30 34.90 -42.18
N ILE A 548 22.98 36.06 -42.19
CA ILE A 548 24.44 36.08 -42.15
C ILE A 548 24.95 35.43 -40.85
N THR A 549 24.36 35.79 -39.71
CA THR A 549 24.96 35.43 -38.42
C THR A 549 24.76 33.96 -38.06
N GLN A 550 23.62 33.36 -38.43
CA GLN A 550 23.23 32.06 -37.87
C GLN A 550 24.31 30.99 -38.02
N GLY A 551 24.87 30.83 -39.22
CA GLY A 551 25.78 29.73 -39.44
C GLY A 551 27.06 29.85 -38.63
N TYR A 552 27.54 31.09 -38.47
CA TYR A 552 28.72 31.34 -37.64
C TYR A 552 28.50 30.97 -36.17
N ALA A 553 27.24 30.96 -35.69
CA ALA A 553 27.00 30.53 -34.30
C ALA A 553 27.40 29.08 -34.07
N VAL A 554 27.28 28.21 -35.08
CA VAL A 554 27.77 26.83 -34.94
C VAL A 554 29.29 26.82 -34.78
N ALA A 555 30.00 27.62 -35.58
CA ALA A 555 31.46 27.62 -35.48
C ALA A 555 31.95 28.18 -34.15
N ILE A 556 31.29 29.24 -33.65
CA ILE A 556 31.66 29.79 -32.35
C ILE A 556 31.37 28.79 -31.23
N LYS A 557 30.25 28.07 -31.32
CA LYS A 557 29.96 26.98 -30.39
C LYS A 557 31.10 25.97 -30.36
N MET A 558 31.69 25.66 -31.52
CA MET A 558 32.78 24.69 -31.54
C MET A 558 34.14 25.30 -31.21
N GLY A 559 34.23 26.59 -30.93
CA GLY A 559 35.50 27.22 -30.57
C GLY A 559 36.34 27.80 -31.70
N ALA A 560 35.69 28.42 -32.70
CA ALA A 560 36.40 28.97 -33.85
C ALA A 560 37.44 30.01 -33.46
N THR A 561 38.58 30.00 -34.17
CA THR A 561 39.63 31.01 -34.06
C THR A 561 39.67 31.86 -35.33
N LYS A 562 40.44 32.96 -35.28
CA LYS A 562 40.68 33.76 -36.48
C LYS A 562 41.23 32.89 -37.61
N ALA A 563 42.11 31.95 -37.27
CA ALA A 563 42.68 31.08 -38.30
C ALA A 563 41.61 30.23 -38.98
N ASP A 564 40.54 29.86 -38.26
CA ASP A 564 39.46 29.10 -38.87
C ASP A 564 38.69 29.92 -39.88
N PHE A 565 38.45 31.21 -39.58
CA PHE A 565 37.83 32.10 -40.56
C PHE A 565 38.74 32.30 -41.76
N ASP A 566 40.05 32.42 -41.53
CA ASP A 566 40.99 32.71 -42.62
C ASP A 566 41.08 31.54 -43.60
N ARG A 567 41.14 30.30 -43.10
CA ARG A 567 41.29 29.17 -44.02
C ARG A 567 40.01 28.79 -44.75
N THR A 568 38.84 29.20 -44.25
CA THR A 568 37.57 29.00 -44.97
C THR A 568 37.46 29.99 -46.13
N ILE A 569 37.00 29.51 -47.31
CA ILE A 569 36.93 30.37 -48.50
C ILE A 569 35.55 31.04 -48.59
N GLY A 570 35.50 32.28 -49.10
CA GLY A 570 34.23 32.97 -49.24
C GLY A 570 33.37 32.47 -50.41
N ILE A 571 32.05 32.71 -50.29
CA ILE A 571 31.09 32.63 -51.41
C ILE A 571 30.92 34.02 -52.00
N HIS A 572 31.07 34.16 -53.33
CA HIS A 572 31.03 35.46 -54.01
C HIS A 572 29.93 35.48 -55.08
N PRO A 573 29.15 36.58 -55.20
CA PRO A 573 29.17 37.81 -54.38
C PRO A 573 28.15 37.71 -53.22
N THR A 574 28.60 37.86 -51.98
CA THR A 574 27.74 37.94 -50.80
C THR A 574 28.26 39.02 -49.84
N CYS A 575 27.38 39.48 -48.94
CA CYS A 575 27.86 40.27 -47.82
C CYS A 575 28.65 39.42 -46.84
N SER A 576 28.20 38.18 -46.61
CA SER A 576 28.79 37.39 -45.53
C SER A 576 30.26 37.09 -45.78
N GLU A 577 30.69 37.00 -47.05
CA GLU A 577 32.07 36.59 -47.33
C GLU A 577 33.10 37.55 -46.76
N THR A 578 32.73 38.80 -46.44
CA THR A 578 33.71 39.73 -45.89
C THR A 578 34.30 39.22 -44.58
N PHE A 579 33.61 38.31 -43.89
CA PHE A 579 34.15 37.72 -42.66
C PHE A 579 35.36 36.83 -42.94
N THR A 580 35.51 36.31 -44.17
CA THR A 580 36.57 35.33 -44.41
C THR A 580 37.91 35.96 -44.75
N THR A 581 37.96 37.28 -44.99
CA THR A 581 39.19 37.97 -45.41
C THR A 581 39.53 39.18 -44.54
N LEU A 582 39.01 39.28 -43.32
CA LEU A 582 39.29 40.43 -42.46
C LEU A 582 40.77 40.48 -42.09
N HIS A 583 41.35 41.70 -42.06
CA HIS A 583 42.77 41.87 -41.78
C HIS A 583 43.16 43.18 -41.08
N VAL A 584 42.34 44.23 -41.18
CA VAL A 584 42.60 45.50 -40.49
C VAL A 584 42.29 45.36 -39.01
N THR A 585 43.27 45.65 -38.14
CA THR A 585 43.05 45.65 -36.69
C THR A 585 42.76 47.06 -36.19
N LYS A 586 42.04 47.15 -35.07
CA LYS A 586 41.79 48.48 -34.48
C LYS A 586 43.08 49.07 -33.92
N LYS A 587 43.96 48.24 -33.37
CA LYS A 587 45.21 48.77 -32.82
C LYS A 587 46.11 49.37 -33.89
N SER A 588 46.03 48.87 -35.13
CA SER A 588 46.86 49.41 -36.20
C SER A 588 46.50 50.84 -36.55
N GLY A 589 45.28 51.27 -36.22
CA GLY A 589 44.84 52.58 -36.61
C GLY A 589 44.45 52.75 -38.05
N VAL A 590 44.58 51.70 -38.88
CA VAL A 590 44.25 51.81 -40.30
C VAL A 590 42.74 51.92 -40.46
N SER A 591 42.30 52.75 -41.42
CA SER A 591 40.87 52.98 -41.64
C SER A 591 40.17 51.70 -42.10
N PRO A 592 38.96 51.43 -41.60
CA PRO A 592 38.19 50.26 -42.08
C PRO A 592 37.40 50.51 -43.36
N ILE A 593 37.43 51.72 -43.92
CA ILE A 593 36.60 52.01 -45.10
C ILE A 593 37.11 51.22 -46.29
N VAL A 594 36.23 51.09 -47.30
CA VAL A 594 36.51 50.24 -48.44
C VAL A 594 36.70 51.04 -49.72
N GLY B 7 1.67 -60.42 45.27
CA GLY B 7 1.81 -59.73 44.00
C GLY B 7 0.77 -60.19 43.00
N THR B 8 1.02 -61.34 42.38
CA THR B 8 -0.03 -62.00 41.60
C THR B 8 -1.25 -62.31 42.45
N SER B 9 -1.03 -62.76 43.69
CA SER B 9 -2.15 -63.10 44.55
C SER B 9 -3.03 -61.88 44.84
N GLN B 10 -2.42 -60.71 45.06
CA GLN B 10 -3.22 -59.53 45.36
C GLN B 10 -3.95 -59.00 44.13
N TRP B 11 -3.33 -59.07 42.94
CA TRP B 11 -4.05 -58.75 41.72
C TRP B 11 -5.26 -59.65 41.54
N LEU B 12 -5.08 -60.96 41.74
CA LEU B 12 -6.19 -61.88 41.50
C LEU B 12 -7.34 -61.63 42.47
N ARG B 13 -7.03 -61.39 43.74
CA ARG B 13 -8.07 -61.12 44.73
C ARG B 13 -8.83 -59.85 44.38
N LYS B 14 -8.12 -58.81 43.97
CA LYS B 14 -8.78 -57.56 43.60
C LYS B 14 -9.63 -57.74 42.35
N THR B 15 -9.12 -58.49 41.36
CA THR B 15 -9.88 -58.73 40.13
C THR B 15 -11.16 -59.52 40.41
N VAL B 16 -11.08 -60.56 41.25
CA VAL B 16 -12.26 -61.38 41.49
C VAL B 16 -13.33 -60.61 42.27
N ASP B 17 -12.91 -59.79 43.26
CA ASP B 17 -13.89 -59.10 44.11
C ASP B 17 -14.72 -58.07 43.34
N SER B 18 -14.16 -57.41 42.33
CA SER B 18 -14.88 -56.30 41.70
C SER B 18 -15.45 -56.60 40.32
N ALA B 19 -14.96 -57.62 39.61
CA ALA B 19 -15.55 -58.00 38.34
C ALA B 19 -17.00 -58.45 38.53
N ALA B 20 -17.87 -58.01 37.63
CA ALA B 20 -19.28 -58.41 37.68
C ALA B 20 -19.45 -59.87 37.27
N VAL B 21 -18.96 -60.23 36.09
CA VAL B 21 -18.98 -61.60 35.57
C VAL B 21 -17.68 -61.82 34.82
N ILE B 22 -16.86 -62.78 35.29
CA ILE B 22 -15.56 -63.01 34.67
C ILE B 22 -15.29 -64.50 34.52
N LEU B 23 -14.73 -64.87 33.36
CA LEU B 23 -14.39 -66.23 32.99
C LEU B 23 -12.88 -66.34 32.85
N PHE B 24 -12.27 -67.25 33.60
CA PHE B 24 -10.87 -67.58 33.41
C PHE B 24 -10.77 -68.75 32.42
N SER B 25 -9.95 -68.57 31.40
CA SER B 25 -10.01 -69.41 30.20
C SER B 25 -8.61 -69.66 29.66
N LYS B 26 -8.54 -70.52 28.64
CA LYS B 26 -7.38 -70.66 27.78
C LYS B 26 -7.87 -70.76 26.34
N THR B 27 -7.06 -70.19 25.42
CA THR B 27 -7.50 -70.11 24.02
C THR B 27 -7.68 -71.49 23.40
N THR B 28 -6.94 -72.50 23.89
CA THR B 28 -6.86 -73.82 23.29
C THR B 28 -7.79 -74.84 23.94
N CYS B 29 -8.72 -74.40 24.78
CA CYS B 29 -9.44 -75.28 25.69
C CYS B 29 -10.87 -75.51 25.21
N PRO B 30 -11.22 -76.71 24.75
CA PRO B 30 -12.61 -76.97 24.26
C PRO B 30 -13.71 -76.81 25.29
N TYR B 31 -13.46 -77.15 26.55
CA TYR B 31 -14.45 -76.90 27.59
C TYR B 31 -14.66 -75.40 27.82
N CYS B 32 -13.62 -74.60 27.60
CA CYS B 32 -13.78 -73.15 27.73
C CYS B 32 -14.70 -72.62 26.64
N LYS B 33 -14.55 -73.14 25.41
CA LYS B 33 -15.41 -72.71 24.30
C LYS B 33 -16.85 -73.14 24.53
N LYS B 34 -17.08 -74.30 25.16
CA LYS B 34 -18.44 -74.71 25.47
C LYS B 34 -19.11 -73.72 26.41
N VAL B 35 -18.36 -73.21 27.40
CA VAL B 35 -18.92 -72.24 28.34
C VAL B 35 -19.13 -70.89 27.66
N LYS B 36 -18.16 -70.45 26.86
CA LYS B 36 -18.31 -69.19 26.14
C LYS B 36 -19.58 -69.18 25.30
N ASP B 37 -19.89 -70.31 24.65
CA ASP B 37 -21.05 -70.39 23.79
C ASP B 37 -22.35 -70.30 24.58
N VAL B 38 -22.42 -71.03 25.71
CA VAL B 38 -23.58 -70.92 26.60
C VAL B 38 -23.82 -69.48 27.02
N LEU B 39 -22.75 -68.79 27.46
CA LEU B 39 -22.90 -67.41 27.90
C LEU B 39 -23.36 -66.50 26.75
N ALA B 40 -22.81 -66.73 25.55
CA ALA B 40 -23.24 -65.95 24.39
C ALA B 40 -24.71 -66.23 24.05
N GLU B 41 -25.15 -67.49 24.17
CA GLU B 41 -26.54 -67.79 23.85
C GLU B 41 -27.50 -67.11 24.81
N ALA B 42 -27.19 -67.13 26.10
CA ALA B 42 -28.06 -66.51 27.10
C ALA B 42 -27.91 -64.99 27.15
N LYS B 43 -27.08 -64.40 26.27
CA LYS B 43 -26.81 -62.96 26.27
C LYS B 43 -26.30 -62.48 27.63
N ILE B 44 -25.32 -63.19 28.16
CA ILE B 44 -24.65 -62.82 29.40
C ILE B 44 -23.28 -62.25 29.03
N LYS B 45 -23.12 -60.94 29.23
CA LYS B 45 -21.85 -60.27 28.95
C LYS B 45 -20.89 -60.48 30.12
N HIS B 46 -19.60 -60.57 29.80
CA HIS B 46 -18.60 -60.92 30.80
C HIS B 46 -17.22 -60.54 30.29
N ALA B 47 -16.30 -60.35 31.24
CA ALA B 47 -14.88 -60.27 30.93
C ALA B 47 -14.30 -61.69 30.80
N THR B 48 -13.20 -61.79 30.05
CA THR B 48 -12.50 -63.06 29.86
C THR B 48 -11.01 -62.82 30.01
N ILE B 49 -10.34 -63.68 30.78
CA ILE B 49 -8.89 -63.64 30.94
C ILE B 49 -8.32 -64.95 30.41
N GLU B 50 -7.51 -64.87 29.35
CA GLU B 50 -6.93 -66.06 28.72
C GLU B 50 -5.57 -66.31 29.36
N LEU B 51 -5.49 -67.32 30.23
CA LEU B 51 -4.29 -67.52 31.04
C LEU B 51 -3.06 -67.87 30.20
N ASP B 52 -3.27 -68.56 29.06
CA ASP B 52 -2.14 -68.90 28.20
C ASP B 52 -1.56 -67.69 27.49
N GLN B 53 -2.19 -66.52 27.58
CA GLN B 53 -1.69 -65.31 26.95
C GLN B 53 -1.07 -64.34 27.95
N LEU B 54 -0.79 -64.80 29.18
CA LEU B 54 -0.15 -64.00 30.20
C LEU B 54 1.14 -64.69 30.65
N SER B 55 2.15 -63.89 30.96
CA SER B 55 3.45 -64.44 31.31
C SER B 55 3.42 -65.21 32.62
N ASN B 56 2.58 -64.81 33.57
CA ASN B 56 2.45 -65.51 34.84
C ASN B 56 1.11 -66.22 34.98
N GLY B 57 0.58 -66.71 33.86
CA GLY B 57 -0.69 -67.42 33.89
C GLY B 57 -0.65 -68.70 34.70
N SER B 58 0.52 -69.36 34.77
CA SER B 58 0.64 -70.56 35.58
C SER B 58 0.47 -70.24 37.06
N ALA B 59 1.09 -69.16 37.52
CA ALA B 59 0.91 -68.72 38.90
C ALA B 59 -0.54 -68.35 39.19
N ILE B 60 -1.19 -67.68 38.23
CA ILE B 60 -2.59 -67.29 38.41
C ILE B 60 -3.47 -68.52 38.55
N GLN B 61 -3.21 -69.53 37.70
CA GLN B 61 -4.00 -70.77 37.74
C GLN B 61 -3.96 -71.40 39.13
N LYS B 62 -2.77 -71.47 39.72
CA LYS B 62 -2.64 -72.05 41.06
C LYS B 62 -3.35 -71.19 42.10
N CYS B 63 -3.30 -69.86 41.96
CA CYS B 63 -3.93 -68.99 42.95
C CYS B 63 -5.45 -69.09 42.92
N LEU B 64 -6.04 -69.38 41.76
CA LEU B 64 -7.49 -69.50 41.67
C LEU B 64 -8.02 -70.53 42.66
N ALA B 65 -7.24 -71.56 42.98
CA ALA B 65 -7.67 -72.58 43.92
C ALA B 65 -8.01 -72.02 45.29
N SER B 66 -7.45 -70.86 45.66
CA SER B 66 -7.77 -70.26 46.94
C SER B 66 -9.20 -69.75 47.03
N PHE B 67 -9.89 -69.58 45.88
CA PHE B 67 -11.29 -69.20 45.87
C PHE B 67 -12.23 -70.32 45.47
N SER B 68 -11.77 -71.26 44.64
CA SER B 68 -12.62 -72.29 44.04
C SER B 68 -12.30 -73.70 44.53
N LYS B 69 -11.12 -73.91 45.11
CA LYS B 69 -10.56 -75.21 45.46
C LYS B 69 -10.22 -76.06 44.25
N ILE B 70 -10.16 -75.47 43.05
CA ILE B 70 -9.72 -76.21 41.86
C ILE B 70 -8.68 -75.38 41.13
N GLU B 71 -7.80 -76.08 40.41
CA GLU B 71 -6.67 -75.46 39.71
C GLU B 71 -6.82 -75.50 38.20
N THR B 72 -7.99 -75.88 37.72
CA THR B 72 -8.24 -76.16 36.32
C THR B 72 -9.03 -75.03 35.67
N VAL B 73 -9.18 -75.14 34.35
CA VAL B 73 -9.81 -74.09 33.54
C VAL B 73 -10.86 -74.75 32.64
N PRO B 74 -12.06 -74.16 32.46
CA PRO B 74 -12.55 -72.83 32.85
C PRO B 74 -13.03 -72.69 34.28
N GLN B 75 -13.02 -71.46 34.80
CA GLN B 75 -13.63 -71.12 36.06
C GLN B 75 -14.41 -69.82 35.88
N MET B 76 -15.65 -69.80 36.37
CA MET B 76 -16.51 -68.64 36.16
C MET B 76 -16.90 -68.06 37.52
N PHE B 77 -16.79 -66.73 37.64
CA PHE B 77 -17.13 -66.02 38.88
C PHE B 77 -18.17 -64.94 38.60
N VAL B 78 -19.02 -64.70 39.61
CA VAL B 78 -20.01 -63.62 39.57
C VAL B 78 -19.86 -62.82 40.85
N ARG B 79 -19.47 -61.55 40.71
CA ARG B 79 -19.45 -60.60 41.82
C ARG B 79 -18.71 -61.16 43.03
N GLY B 80 -17.58 -61.83 42.75
CA GLY B 80 -16.71 -62.32 43.80
C GLY B 80 -16.94 -63.76 44.21
N LYS B 81 -17.96 -64.41 43.68
CA LYS B 81 -18.34 -65.77 44.06
C LYS B 81 -17.99 -66.74 42.94
N PHE B 82 -17.29 -67.83 43.29
CA PHE B 82 -17.07 -68.90 42.32
C PHE B 82 -18.38 -69.59 42.01
N ILE B 83 -18.70 -69.70 40.72
CA ILE B 83 -19.97 -70.27 40.27
C ILE B 83 -19.81 -71.73 39.86
N GLY B 84 -18.76 -72.08 39.12
CA GLY B 84 -18.58 -73.46 38.74
C GLY B 84 -17.60 -73.62 37.59
N ASP B 85 -17.33 -74.90 37.30
CA ASP B 85 -16.53 -75.29 36.15
C ASP B 85 -17.48 -75.58 34.98
N SER B 86 -17.00 -76.28 33.94
CA SER B 86 -17.83 -76.57 32.77
C SER B 86 -19.12 -77.30 33.14
N GLN B 87 -19.01 -78.45 33.80
CA GLN B 87 -20.21 -79.24 34.10
C GLN B 87 -21.22 -78.43 34.91
N THR B 88 -20.75 -77.64 35.88
CA THR B 88 -21.65 -76.93 36.78
C THR B 88 -22.38 -75.79 36.08
N VAL B 89 -21.66 -75.03 35.24
CA VAL B 89 -22.31 -73.94 34.51
C VAL B 89 -23.43 -74.50 33.63
N LEU B 90 -23.14 -75.59 32.90
CA LEU B 90 -24.15 -76.16 32.01
C LEU B 90 -25.32 -76.77 32.79
N LYS B 91 -25.05 -77.32 33.99
CA LYS B 91 -26.13 -77.73 34.89
C LYS B 91 -27.09 -76.57 35.16
N TYR B 92 -26.54 -75.41 35.55
CA TYR B 92 -27.40 -74.26 35.86
C TYR B 92 -28.17 -73.82 34.62
N TYR B 93 -27.54 -73.89 33.45
CA TYR B 93 -28.19 -73.50 32.20
C TYR B 93 -29.35 -74.43 31.85
N SER B 94 -29.14 -75.75 32.01
CA SER B 94 -30.19 -76.71 31.66
C SER B 94 -31.36 -76.65 32.62
N ASN B 95 -31.13 -76.27 33.88
CA ASN B 95 -32.19 -76.17 34.89
C ASN B 95 -32.79 -74.76 34.98
N ASP B 96 -32.42 -73.86 34.07
CA ASP B 96 -32.91 -72.47 34.08
C ASP B 96 -32.62 -71.79 35.42
N GLU B 97 -31.44 -72.04 35.97
CA GLU B 97 -30.99 -71.37 37.18
C GLU B 97 -29.91 -70.33 36.92
N LEU B 98 -29.37 -70.27 35.69
CA LEU B 98 -28.21 -69.41 35.43
C LEU B 98 -28.60 -67.93 35.47
N ALA B 99 -29.70 -67.56 34.81
CA ALA B 99 -30.06 -66.14 34.73
C ALA B 99 -30.19 -65.52 36.11
N GLY B 100 -30.77 -66.24 37.06
CA GLY B 100 -30.87 -65.73 38.42
C GLY B 100 -29.53 -65.65 39.14
N ILE B 101 -28.61 -66.58 38.83
CA ILE B 101 -27.31 -66.57 39.49
C ILE B 101 -26.50 -65.35 39.05
N VAL B 102 -26.45 -65.09 37.74
CA VAL B 102 -25.63 -63.97 37.26
C VAL B 102 -26.23 -62.61 37.55
N ASN B 103 -27.49 -62.56 37.97
CA ASN B 103 -28.16 -61.30 38.22
C ASN B 103 -28.28 -60.95 39.69
N GLU B 104 -27.91 -61.86 40.59
CA GLU B 104 -28.09 -61.59 42.01
C GLU B 104 -26.95 -60.71 42.52
N SER B 105 -27.32 -59.64 43.21
CA SER B 105 -26.36 -58.65 43.66
C SER B 105 -26.86 -58.01 44.94
N LYS B 106 -25.92 -57.57 45.77
CA LYS B 106 -26.27 -56.80 46.96
C LYS B 106 -26.78 -55.40 46.60
N TYR B 107 -26.52 -54.94 45.37
CA TYR B 107 -26.81 -53.58 44.95
C TYR B 107 -27.68 -53.58 43.70
N ASP B 108 -28.36 -52.46 43.45
CA ASP B 108 -29.14 -52.32 42.22
C ASP B 108 -28.25 -52.35 40.98
N TYR B 109 -27.07 -51.73 41.07
CA TYR B 109 -26.16 -51.59 39.93
C TYR B 109 -24.74 -51.94 40.35
N ASP B 110 -23.98 -52.55 39.43
CA ASP B 110 -22.55 -52.69 39.65
C ASP B 110 -21.83 -51.34 39.62
N LEU B 111 -22.36 -50.38 38.86
CA LEU B 111 -21.74 -49.07 38.66
C LEU B 111 -22.81 -48.02 38.48
N ILE B 112 -22.73 -46.93 39.24
CA ILE B 112 -23.51 -45.72 38.98
C ILE B 112 -22.54 -44.61 38.59
N VAL B 113 -22.74 -44.03 37.40
CA VAL B 113 -21.99 -42.84 36.98
C VAL B 113 -22.87 -41.61 37.17
N ILE B 114 -22.40 -40.67 38.00
CA ILE B 114 -23.06 -39.38 38.17
C ILE B 114 -22.42 -38.38 37.21
N GLY B 115 -23.15 -38.04 36.16
CA GLY B 115 -22.69 -37.11 35.13
C GLY B 115 -22.56 -37.75 33.76
N GLY B 116 -23.35 -37.28 32.79
CA GLY B 116 -23.33 -37.84 31.44
C GLY B 116 -22.58 -37.01 30.41
N GLY B 117 -21.31 -36.67 30.70
CA GLY B 117 -20.47 -35.92 29.78
C GLY B 117 -19.32 -36.74 29.20
N SER B 118 -18.21 -36.06 28.87
CA SER B 118 -17.09 -36.71 28.17
C SER B 118 -16.59 -37.95 28.92
N GLY B 119 -16.25 -37.79 30.20
CA GLY B 119 -15.72 -38.92 30.94
C GLY B 119 -16.77 -39.94 31.36
N GLY B 120 -17.94 -39.46 31.80
CA GLY B 120 -18.95 -40.36 32.35
C GLY B 120 -19.54 -41.29 31.30
N LEU B 121 -19.80 -40.78 30.10
CA LEU B 121 -20.35 -41.66 29.06
C LEU B 121 -19.32 -42.68 28.61
N ALA B 122 -18.04 -42.26 28.51
CA ALA B 122 -16.99 -43.20 28.15
C ALA B 122 -16.85 -44.30 29.20
N ALA B 123 -16.83 -43.91 30.47
CA ALA B 123 -16.75 -44.88 31.56
C ALA B 123 -17.93 -45.86 31.52
N GLY B 124 -19.15 -45.33 31.43
CA GLY B 124 -20.31 -46.19 31.55
C GLY B 124 -20.42 -47.19 30.41
N LYS B 125 -20.13 -46.73 29.18
CA LYS B 125 -20.18 -47.64 28.04
C LYS B 125 -19.12 -48.72 28.16
N GLU B 126 -17.90 -48.36 28.59
CA GLU B 126 -16.85 -49.35 28.66
C GLU B 126 -17.12 -50.40 29.74
N ALA B 127 -17.68 -49.98 30.89
CA ALA B 127 -18.01 -50.92 31.95
C ALA B 127 -19.05 -51.94 31.49
N ALA B 128 -20.10 -51.47 30.81
CA ALA B 128 -21.15 -52.37 30.34
C ALA B 128 -20.63 -53.44 29.39
N LYS B 129 -19.61 -53.13 28.58
CA LYS B 129 -18.99 -54.14 27.71
C LYS B 129 -18.53 -55.39 28.45
N TYR B 130 -18.15 -55.26 29.73
CA TYR B 130 -17.65 -56.40 30.49
C TYR B 130 -18.68 -56.98 31.44
N GLY B 131 -19.95 -56.64 31.26
CA GLY B 131 -21.00 -57.27 32.03
C GLY B 131 -21.40 -56.54 33.28
N ALA B 132 -20.82 -55.36 33.55
CA ALA B 132 -21.27 -54.57 34.69
C ALA B 132 -22.65 -53.97 34.42
N LYS B 133 -23.59 -54.17 35.35
CA LYS B 133 -24.90 -53.56 35.25
C LYS B 133 -24.78 -52.09 35.65
N THR B 134 -25.03 -51.18 34.70
CA THR B 134 -24.57 -49.80 34.77
C THR B 134 -25.71 -48.81 34.63
N ALA B 135 -25.70 -47.76 35.44
CA ALA B 135 -26.58 -46.60 35.27
C ALA B 135 -25.77 -45.33 35.06
N VAL B 136 -26.20 -44.49 34.13
CA VAL B 136 -25.59 -43.17 33.91
C VAL B 136 -26.65 -42.11 34.18
N LEU B 137 -26.36 -41.18 35.08
CA LEU B 137 -27.25 -40.09 35.44
C LEU B 137 -26.75 -38.79 34.81
N ASP B 138 -27.64 -38.04 34.17
CA ASP B 138 -27.28 -36.74 33.62
C ASP B 138 -28.44 -35.76 33.76
N TYR B 139 -28.10 -34.52 34.13
CA TYR B 139 -29.04 -33.43 34.25
C TYR B 139 -28.29 -32.13 33.97
N VAL B 140 -28.95 -31.19 33.29
CA VAL B 140 -28.34 -29.91 32.93
C VAL B 140 -29.09 -28.82 33.68
N GLU B 141 -28.48 -28.30 34.73
CA GLU B 141 -29.04 -27.15 35.44
C GLU B 141 -29.08 -25.95 34.48
N PRO B 142 -30.24 -25.34 34.27
CA PRO B 142 -30.32 -24.19 33.35
C PRO B 142 -29.46 -23.01 33.78
N THR B 143 -29.03 -22.23 32.78
CA THR B 143 -28.33 -20.97 33.02
C THR B 143 -29.30 -19.94 33.62
N PRO B 144 -28.80 -18.79 34.10
CA PRO B 144 -29.71 -17.76 34.64
C PRO B 144 -30.78 -17.29 33.66
N ILE B 145 -30.51 -17.25 32.35
CA ILE B 145 -31.56 -16.89 31.40
C ILE B 145 -32.39 -18.09 30.96
N GLY B 146 -32.09 -19.30 31.44
CA GLY B 146 -32.91 -20.46 31.12
C GLY B 146 -32.40 -21.42 30.07
N THR B 147 -31.18 -21.23 29.56
CA THR B 147 -30.66 -22.11 28.52
C THR B 147 -30.40 -23.51 29.07
N THR B 148 -30.77 -24.53 28.28
CA THR B 148 -30.49 -25.92 28.63
C THR B 148 -30.22 -26.70 27.34
N TRP B 149 -29.80 -27.96 27.47
CA TRP B 149 -29.40 -28.78 26.33
C TRP B 149 -29.43 -30.26 26.71
N GLY B 150 -29.08 -31.12 25.75
CA GLY B 150 -29.27 -32.54 25.85
C GLY B 150 -28.02 -33.29 26.32
N LEU B 151 -28.08 -34.61 26.18
CA LEU B 151 -27.04 -35.50 26.71
C LEU B 151 -25.71 -35.32 25.98
N GLY B 152 -24.62 -35.38 26.75
CA GLY B 152 -23.30 -35.36 26.12
C GLY B 152 -22.25 -34.50 26.82
N GLY B 153 -22.68 -33.60 27.69
CA GLY B 153 -21.73 -32.83 28.49
C GLY B 153 -21.30 -31.53 27.83
N THR B 154 -20.32 -30.87 28.46
CA THR B 154 -19.94 -29.50 28.08
C THR B 154 -19.31 -29.46 26.69
N CYS B 155 -18.43 -30.41 26.36
CA CYS B 155 -17.73 -30.34 25.08
C CYS B 155 -18.72 -30.45 23.92
N VAL B 156 -19.63 -31.43 23.99
CA VAL B 156 -20.58 -31.72 22.91
C VAL B 156 -21.55 -30.55 22.69
N ASN B 157 -22.06 -29.97 23.77
CA ASN B 157 -23.19 -29.04 23.72
C ASN B 157 -22.79 -27.57 23.76
N VAL B 158 -21.82 -27.20 24.60
CA VAL B 158 -21.49 -25.79 24.81
C VAL B 158 -19.97 -25.60 24.91
N GLY B 159 -19.21 -26.41 24.17
CA GLY B 159 -17.75 -26.43 24.28
C GLY B 159 -17.01 -26.71 22.98
N CYS B 160 -16.15 -27.75 22.99
CA CYS B 160 -15.22 -27.97 21.86
C CYS B 160 -15.93 -28.04 20.52
N ILE B 161 -17.07 -28.74 20.46
CA ILE B 161 -17.76 -28.99 19.18
C ILE B 161 -18.34 -27.70 18.61
N PRO B 162 -19.27 -27.00 19.28
CA PRO B 162 -19.79 -25.76 18.67
C PRO B 162 -18.71 -24.69 18.49
N LYS B 163 -17.74 -24.60 19.40
CA LYS B 163 -16.79 -23.49 19.25
C LYS B 163 -15.86 -23.73 18.06
N LYS B 164 -15.47 -24.99 17.79
CA LYS B 164 -14.64 -25.21 16.60
C LYS B 164 -15.45 -25.07 15.32
N LEU B 165 -16.75 -25.39 15.33
CA LEU B 165 -17.55 -25.17 14.13
C LEU B 165 -17.69 -23.67 13.83
N MET B 166 -17.82 -22.85 14.89
CA MET B 166 -17.97 -21.41 14.71
C MET B 166 -16.62 -20.80 14.27
N HIS B 167 -15.52 -21.36 14.80
CA HIS B 167 -14.17 -21.03 14.32
C HIS B 167 -14.01 -21.32 12.84
N GLN B 168 -14.49 -22.49 12.38
CA GLN B 168 -14.41 -22.82 10.95
C GLN B 168 -15.20 -21.81 10.13
N ALA B 169 -16.36 -21.36 10.64
CA ALA B 169 -17.11 -20.35 9.91
C ALA B 169 -16.29 -19.07 9.76
N GLY B 170 -15.54 -18.72 10.82
CA GLY B 170 -14.67 -17.55 10.74
C GLY B 170 -13.50 -17.74 9.79
N LEU B 171 -12.88 -18.93 9.81
CA LEU B 171 -11.80 -19.22 8.88
C LEU B 171 -12.27 -19.13 7.43
N LEU B 172 -13.53 -19.48 7.16
CA LEU B 172 -13.96 -19.44 5.77
C LEU B 172 -14.02 -18.01 5.25
N SER B 173 -14.05 -17.00 6.13
CA SER B 173 -13.97 -15.62 5.64
C SER B 173 -12.67 -15.36 4.90
N HIS B 174 -11.55 -15.88 5.43
CA HIS B 174 -10.27 -15.70 4.73
C HIS B 174 -10.18 -16.56 3.49
N ALA B 175 -10.82 -17.73 3.48
CA ALA B 175 -10.86 -18.52 2.26
C ALA B 175 -11.54 -17.74 1.14
N LEU B 176 -12.62 -17.03 1.47
CA LEU B 176 -13.30 -16.19 0.49
C LEU B 176 -12.39 -15.08 -0.03
N GLU B 177 -11.63 -14.43 0.86
CA GLU B 177 -10.69 -13.40 0.40
C GLU B 177 -9.60 -14.02 -0.47
N ASP B 178 -9.04 -15.14 -0.03
CA ASP B 178 -7.93 -15.77 -0.76
C ASP B 178 -8.36 -16.24 -2.16
N ALA B 179 -9.64 -16.60 -2.34
CA ALA B 179 -10.07 -17.22 -3.58
C ALA B 179 -9.85 -16.30 -4.79
N GLU B 180 -10.00 -14.99 -4.60
CA GLU B 180 -9.80 -14.06 -5.71
C GLU B 180 -8.38 -14.10 -6.22
N HIS B 181 -7.39 -14.14 -5.31
CA HIS B 181 -6.01 -14.19 -5.74
C HIS B 181 -5.66 -15.50 -6.43
N PHE B 182 -6.36 -16.58 -6.10
CA PHE B 182 -6.09 -17.84 -6.77
C PHE B 182 -6.87 -18.00 -8.07
N GLY B 183 -7.59 -16.94 -8.51
CA GLY B 183 -8.22 -16.93 -9.81
C GLY B 183 -9.74 -17.05 -9.83
N TRP B 184 -10.40 -17.19 -8.68
CA TRP B 184 -11.86 -17.29 -8.64
C TRP B 184 -12.49 -15.89 -8.67
N SER B 185 -13.67 -15.80 -9.31
CA SER B 185 -14.26 -14.53 -9.72
C SER B 185 -15.12 -13.86 -8.67
N LEU B 186 -15.21 -14.40 -7.46
CA LEU B 186 -16.08 -13.79 -6.46
C LEU B 186 -15.51 -12.46 -5.97
N ASP B 187 -16.36 -11.65 -5.34
CA ASP B 187 -15.95 -10.39 -4.71
C ASP B 187 -16.33 -10.46 -3.24
N ARG B 188 -15.32 -10.66 -2.38
CA ARG B 188 -15.55 -10.80 -0.94
C ARG B 188 -16.29 -9.60 -0.35
N SER B 189 -16.08 -8.41 -0.91
CA SER B 189 -16.67 -7.19 -0.36
C SER B 189 -18.19 -7.25 -0.29
N LYS B 190 -18.85 -7.98 -1.19
CA LYS B 190 -20.30 -8.01 -1.25
C LYS B 190 -20.92 -9.25 -0.60
N ILE B 191 -20.19 -9.92 0.29
CA ILE B 191 -20.67 -11.12 0.95
C ILE B 191 -20.82 -10.82 2.43
N SER B 192 -21.91 -11.30 3.03
CA SER B 192 -22.22 -11.08 4.44
C SER B 192 -22.50 -12.42 5.11
N HIS B 193 -22.57 -12.40 6.44
CA HIS B 193 -22.79 -13.62 7.22
C HIS B 193 -24.11 -13.57 7.97
N ASN B 194 -24.80 -14.71 8.04
CA ASN B 194 -26.08 -14.84 8.74
C ASN B 194 -25.89 -15.73 9.97
N TRP B 195 -25.90 -15.10 11.14
CA TRP B 195 -25.70 -15.78 12.42
C TRP B 195 -26.70 -16.91 12.62
N SER B 196 -27.99 -16.61 12.45
CA SER B 196 -28.98 -17.62 12.78
C SER B 196 -28.91 -18.83 11.85
N THR B 197 -28.55 -18.62 10.57
CA THR B 197 -28.35 -19.77 9.69
C THR B 197 -27.20 -20.65 10.18
N MET B 198 -26.14 -20.05 10.72
CA MET B 198 -25.04 -20.91 11.14
C MET B 198 -25.39 -21.61 12.46
N VAL B 199 -26.05 -20.89 13.36
CA VAL B 199 -26.49 -21.52 14.62
C VAL B 199 -27.45 -22.67 14.35
N GLU B 200 -28.31 -22.54 13.33
CA GLU B 200 -29.19 -23.67 13.04
C GLU B 200 -28.41 -24.89 12.57
N GLY B 201 -27.38 -24.69 11.74
CA GLY B 201 -26.57 -25.83 11.31
C GLY B 201 -25.78 -26.45 12.46
N VAL B 202 -25.19 -25.61 13.31
CA VAL B 202 -24.43 -26.13 14.45
C VAL B 202 -25.33 -26.93 15.37
N GLN B 203 -26.52 -26.41 15.67
CA GLN B 203 -27.41 -27.08 16.60
C GLN B 203 -28.00 -28.36 16.03
N SER B 204 -28.15 -28.46 14.71
CA SER B 204 -28.63 -29.71 14.15
C SER B 204 -27.57 -30.82 14.30
N HIS B 205 -26.28 -30.46 14.18
CA HIS B 205 -25.24 -31.45 14.44
C HIS B 205 -25.20 -31.87 15.92
N ILE B 206 -25.30 -30.89 16.84
CA ILE B 206 -25.32 -31.23 18.26
C ILE B 206 -26.50 -32.14 18.57
N GLY B 207 -27.65 -31.86 17.97
CA GLY B 207 -28.81 -32.74 18.15
C GLY B 207 -28.54 -34.17 17.71
N SER B 208 -27.83 -34.34 16.59
CA SER B 208 -27.49 -35.70 16.16
C SER B 208 -26.56 -36.39 17.16
N LEU B 209 -25.72 -35.63 17.86
CA LEU B 209 -24.87 -36.20 18.89
C LEU B 209 -25.67 -36.57 20.14
N ASN B 210 -26.57 -35.69 20.59
CA ASN B 210 -27.45 -36.05 21.72
C ASN B 210 -28.15 -37.38 21.46
N TRP B 211 -28.71 -37.54 20.26
CA TRP B 211 -29.46 -38.75 19.92
C TRP B 211 -28.52 -39.96 19.83
N GLY B 212 -27.35 -39.78 19.24
CA GLY B 212 -26.38 -40.85 19.13
C GLY B 212 -25.96 -41.43 20.46
N TYR B 213 -25.78 -40.56 21.47
CA TYR B 213 -25.45 -41.05 22.81
C TYR B 213 -26.61 -41.84 23.43
N LYS B 214 -27.86 -41.37 23.26
CA LYS B 214 -28.97 -42.14 23.79
C LYS B 214 -29.07 -43.51 23.12
N VAL B 215 -28.82 -43.57 21.80
CA VAL B 215 -28.84 -44.86 21.11
C VAL B 215 -27.69 -45.74 21.60
N ALA B 216 -26.51 -45.17 21.79
CA ALA B 216 -25.37 -45.95 22.24
C ALA B 216 -25.63 -46.58 23.60
N LEU B 217 -26.21 -45.82 24.53
CA LEU B 217 -26.50 -46.35 25.86
C LEU B 217 -27.52 -47.48 25.78
N ARG B 218 -28.60 -47.28 25.02
CA ARG B 218 -29.58 -48.35 24.82
C ARG B 218 -28.92 -49.61 24.29
N ASP B 219 -28.10 -49.49 23.25
CA ASP B 219 -27.51 -50.66 22.61
C ASP B 219 -26.41 -51.33 23.45
N ASN B 220 -25.97 -50.71 24.54
CA ASN B 220 -25.05 -51.34 25.48
C ASN B 220 -25.76 -51.80 26.76
N GLN B 221 -27.10 -51.72 26.81
CA GLN B 221 -27.89 -52.10 27.97
C GLN B 221 -27.54 -51.26 29.21
N VAL B 222 -27.22 -49.98 28.99
CA VAL B 222 -26.98 -49.03 30.08
C VAL B 222 -28.28 -48.30 30.39
N THR B 223 -28.64 -48.23 31.68
CA THR B 223 -29.82 -47.46 32.07
C THR B 223 -29.48 -45.98 32.12
N TYR B 224 -30.17 -45.16 31.31
CA TYR B 224 -29.99 -43.71 31.31
C TYR B 224 -31.13 -43.06 32.10
N LEU B 225 -30.78 -42.39 33.19
CA LEU B 225 -31.74 -41.61 33.96
C LEU B 225 -31.41 -40.12 33.79
N ASN B 226 -32.35 -39.37 33.20
CA ASN B 226 -32.25 -37.92 33.10
C ASN B 226 -32.72 -37.35 34.44
N ALA B 227 -31.79 -37.30 35.40
CA ALA B 227 -32.10 -36.92 36.77
C ALA B 227 -30.85 -36.39 37.44
N LYS B 228 -31.07 -35.57 38.48
CA LYS B 228 -29.99 -35.06 39.30
C LYS B 228 -29.60 -36.08 40.36
N GLY B 229 -28.32 -36.41 40.43
CA GLY B 229 -27.80 -37.38 41.39
C GLY B 229 -27.09 -36.73 42.56
N ARG B 230 -27.22 -37.33 43.74
CA ARG B 230 -26.60 -36.84 44.96
C ARG B 230 -26.17 -38.03 45.79
N LEU B 231 -24.87 -38.14 46.06
CA LEU B 231 -24.33 -39.24 46.85
C LEU B 231 -24.57 -38.95 48.33
N ILE B 232 -25.40 -39.77 48.97
CA ILE B 232 -25.74 -39.56 50.38
C ILE B 232 -25.02 -40.52 51.32
N SER B 233 -24.47 -41.61 50.81
CA SER B 233 -23.59 -42.51 51.55
C SER B 233 -22.76 -43.27 50.53
N PRO B 234 -21.74 -44.03 50.97
CA PRO B 234 -20.83 -44.64 50.00
C PRO B 234 -21.50 -45.42 48.86
N HIS B 235 -22.66 -46.03 49.11
CA HIS B 235 -23.30 -46.87 48.10
C HIS B 235 -24.70 -46.42 47.68
N GLU B 236 -25.19 -45.28 48.19
CA GLU B 236 -26.55 -44.83 47.97
C GLU B 236 -26.58 -43.51 47.21
N VAL B 237 -27.33 -43.46 46.12
CA VAL B 237 -27.48 -42.25 45.33
C VAL B 237 -28.95 -41.84 45.33
N GLN B 238 -29.21 -40.64 45.82
CA GLN B 238 -30.53 -40.03 45.76
C GLN B 238 -30.70 -39.31 44.43
N ILE B 239 -31.80 -39.60 43.73
CA ILE B 239 -32.06 -39.03 42.41
C ILE B 239 -33.35 -38.20 42.46
N THR B 240 -33.35 -37.10 41.70
CA THR B 240 -34.50 -36.23 41.55
C THR B 240 -34.77 -36.02 40.07
N ASP B 241 -36.01 -36.30 39.62
CA ASP B 241 -36.32 -36.32 38.20
C ASP B 241 -36.99 -35.00 37.78
N LYS B 242 -37.48 -34.95 36.53
CA LYS B 242 -38.03 -33.72 35.97
C LYS B 242 -39.30 -33.26 36.68
N ASN B 243 -39.97 -34.17 37.39
CA ASN B 243 -41.14 -33.84 38.20
C ASN B 243 -40.80 -33.64 39.67
N GLN B 244 -39.51 -33.54 40.00
CA GLN B 244 -39.04 -33.42 41.38
C GLN B 244 -39.50 -34.60 42.24
N LYS B 245 -39.71 -35.75 41.61
CA LYS B 245 -39.88 -37.00 42.36
C LYS B 245 -38.52 -37.48 42.85
N VAL B 246 -38.44 -37.82 44.13
CA VAL B 246 -37.19 -38.20 44.78
C VAL B 246 -37.22 -39.70 45.08
N SER B 247 -36.07 -40.36 44.91
CA SER B 247 -35.95 -41.78 45.18
C SER B 247 -34.47 -42.11 45.37
N THR B 248 -34.19 -43.39 45.68
CA THR B 248 -32.84 -43.83 46.03
C THR B 248 -32.49 -45.12 45.29
N ILE B 249 -31.27 -45.16 44.75
CA ILE B 249 -30.73 -46.34 44.09
C ILE B 249 -29.36 -46.62 44.69
N THR B 250 -28.95 -47.89 44.64
CA THR B 250 -27.70 -48.32 45.24
C THR B 250 -26.78 -48.92 44.19
N GLY B 251 -25.48 -48.82 44.45
CA GLY B 251 -24.48 -49.30 43.51
C GLY B 251 -23.21 -49.72 44.22
N ASN B 252 -22.53 -50.70 43.64
CA ASN B 252 -21.27 -51.18 44.20
C ASN B 252 -20.17 -50.13 44.04
N LYS B 253 -19.80 -49.81 42.79
CA LYS B 253 -18.83 -48.77 42.51
C LYS B 253 -19.53 -47.48 42.04
N ILE B 254 -18.96 -46.34 42.39
CA ILE B 254 -19.51 -45.02 42.04
C ILE B 254 -18.44 -44.22 41.32
N ILE B 255 -18.80 -43.64 40.16
CA ILE B 255 -17.91 -42.70 39.47
C ILE B 255 -18.56 -41.32 39.44
N LEU B 256 -17.87 -40.34 40.03
CA LEU B 256 -18.26 -38.94 39.96
C LEU B 256 -17.63 -38.32 38.72
N ALA B 257 -18.47 -37.72 37.87
CA ALA B 257 -18.03 -37.17 36.58
C ALA B 257 -18.93 -35.99 36.21
N THR B 258 -19.12 -35.06 37.15
CA THR B 258 -20.12 -34.00 37.03
C THR B 258 -19.59 -32.70 36.43
N GLY B 259 -18.29 -32.57 36.17
CA GLY B 259 -17.81 -31.39 35.43
C GLY B 259 -17.91 -30.07 36.21
N GLU B 260 -17.86 -28.96 35.45
CA GLU B 260 -17.87 -27.60 35.99
C GLU B 260 -18.86 -26.73 35.19
N ARG B 261 -19.11 -25.51 35.66
CA ARG B 261 -19.92 -24.51 34.96
C ARG B 261 -19.23 -23.15 35.05
N PRO B 262 -19.61 -22.19 34.18
CA PRO B 262 -18.95 -20.88 34.19
C PRO B 262 -19.14 -20.10 35.51
N LYS B 263 -18.12 -19.32 35.87
CA LYS B 263 -18.22 -18.37 36.99
C LYS B 263 -18.72 -17.01 36.50
N TYR B 264 -19.35 -16.25 37.42
CA TYR B 264 -19.67 -14.84 37.21
C TYR B 264 -18.94 -14.00 38.25
N PRO B 265 -18.45 -12.80 37.90
CA PRO B 265 -17.86 -11.95 38.94
C PRO B 265 -18.96 -11.35 39.81
N GLU B 266 -18.58 -11.02 41.06
CA GLU B 266 -19.51 -10.49 42.05
C GLU B 266 -19.69 -8.98 41.86
N ILE B 267 -20.42 -8.61 40.81
CA ILE B 267 -20.70 -7.19 40.53
C ILE B 267 -22.14 -7.03 40.12
N PRO B 268 -22.71 -5.86 40.39
CA PRO B 268 -24.13 -5.62 40.04
C PRO B 268 -24.35 -5.74 38.54
N GLY B 269 -25.44 -6.42 38.17
CA GLY B 269 -25.84 -6.56 36.78
C GLY B 269 -25.23 -7.73 36.03
N ALA B 270 -24.24 -8.41 36.60
CA ALA B 270 -23.55 -9.46 35.84
C ALA B 270 -24.49 -10.61 35.50
N VAL B 271 -25.14 -11.19 36.52
CA VAL B 271 -26.01 -12.35 36.31
C VAL B 271 -27.27 -11.94 35.56
N GLU B 272 -27.80 -10.76 35.86
CA GLU B 272 -29.04 -10.33 35.23
C GLU B 272 -28.87 -10.05 33.73
N TYR B 273 -27.79 -9.37 33.34
CA TYR B 273 -27.72 -8.78 32.00
C TYR B 273 -26.60 -9.33 31.11
N GLY B 274 -25.60 -10.02 31.68
CA GLY B 274 -24.58 -10.67 30.86
C GLY B 274 -24.95 -12.12 30.51
N ILE B 275 -24.11 -12.74 29.68
CA ILE B 275 -24.24 -14.15 29.33
C ILE B 275 -22.87 -14.82 29.44
N THR B 276 -22.85 -16.15 29.30
CA THR B 276 -21.59 -16.90 29.23
C THR B 276 -21.56 -17.76 27.96
N SER B 277 -20.46 -18.51 27.83
CA SER B 277 -20.35 -19.48 26.74
C SER B 277 -21.49 -20.50 26.74
N ASP B 278 -22.07 -20.78 27.91
CA ASP B 278 -23.23 -21.68 27.99
C ASP B 278 -24.39 -21.17 27.11
N ASP B 279 -24.57 -19.85 27.02
CA ASP B 279 -25.67 -19.26 26.26
C ASP B 279 -25.30 -18.97 24.80
N LEU B 280 -24.02 -18.71 24.52
CA LEU B 280 -23.62 -18.15 23.24
C LEU B 280 -23.89 -19.12 22.09
N PHE B 281 -23.69 -20.41 22.30
CA PHE B 281 -23.70 -21.36 21.18
C PHE B 281 -25.12 -21.65 20.66
N SER B 282 -26.18 -21.30 21.39
CA SER B 282 -27.54 -21.44 20.86
C SER B 282 -28.28 -20.10 20.83
N LEU B 283 -27.56 -18.99 20.90
CA LEU B 283 -28.19 -17.67 21.00
C LEU B 283 -29.04 -17.40 19.77
N PRO B 284 -30.31 -17.04 19.93
CA PRO B 284 -31.19 -16.88 18.76
C PRO B 284 -30.96 -15.62 17.94
N TYR B 285 -30.17 -14.64 18.43
CA TYR B 285 -29.88 -13.41 17.70
C TYR B 285 -28.37 -13.20 17.68
N PHE B 286 -27.89 -12.45 16.66
CA PHE B 286 -26.47 -12.09 16.62
C PHE B 286 -26.15 -11.17 17.81
N PRO B 287 -25.06 -11.44 18.54
CA PRO B 287 -24.74 -10.62 19.72
C PRO B 287 -24.59 -9.13 19.45
N GLY B 288 -24.20 -8.73 18.23
CA GLY B 288 -23.95 -7.32 17.95
C GLY B 288 -22.61 -6.87 18.53
N LYS B 289 -22.52 -5.55 18.79
CA LYS B 289 -21.34 -5.01 19.48
C LYS B 289 -21.17 -5.70 20.83
N THR B 290 -20.04 -6.37 21.01
CA THR B 290 -19.85 -7.31 22.10
C THR B 290 -18.63 -6.97 22.94
N LEU B 291 -18.78 -7.08 24.25
CA LEU B 291 -17.66 -7.02 25.18
C LEU B 291 -17.43 -8.41 25.76
N VAL B 292 -16.21 -8.93 25.63
CA VAL B 292 -15.81 -10.18 26.26
C VAL B 292 -14.93 -9.84 27.45
N ILE B 293 -15.34 -10.25 28.66
CA ILE B 293 -14.58 -9.99 29.88
C ILE B 293 -13.81 -11.26 30.25
N GLY B 294 -12.49 -11.16 30.30
CA GLY B 294 -11.61 -12.28 30.60
C GLY B 294 -10.58 -12.49 29.50
N ALA B 295 -9.64 -13.41 29.79
CA ALA B 295 -8.49 -13.58 28.89
C ALA B 295 -8.02 -15.03 28.78
N SER B 296 -8.86 -15.99 29.11
CA SER B 296 -8.60 -17.41 28.97
C SER B 296 -8.74 -17.85 27.52
N TYR B 297 -8.48 -19.14 27.24
CA TYR B 297 -8.66 -19.60 25.88
C TYR B 297 -10.12 -19.49 25.44
N VAL B 298 -11.07 -19.62 26.37
CA VAL B 298 -12.49 -19.47 26.01
C VAL B 298 -12.76 -18.04 25.54
N ALA B 299 -12.30 -17.05 26.33
CA ALA B 299 -12.49 -15.65 25.97
C ALA B 299 -11.93 -15.34 24.59
N LEU B 300 -10.68 -15.76 24.32
CA LEU B 300 -10.03 -15.36 23.07
C LEU B 300 -10.59 -16.12 21.87
N GLU B 301 -10.97 -17.39 22.05
CA GLU B 301 -11.56 -18.15 20.96
C GLU B 301 -12.89 -17.55 20.53
N CYS B 302 -13.73 -17.20 21.51
CA CYS B 302 -15.02 -16.61 21.20
C CYS B 302 -14.87 -15.21 20.59
N ALA B 303 -14.02 -14.36 21.18
CA ALA B 303 -13.78 -13.05 20.58
C ALA B 303 -13.28 -13.20 19.15
N GLY B 304 -12.41 -14.19 18.92
CA GLY B 304 -11.83 -14.37 17.60
C GLY B 304 -12.84 -14.67 16.51
N PHE B 305 -13.71 -15.68 16.73
CA PHE B 305 -14.66 -15.96 15.64
C PHE B 305 -15.73 -14.88 15.52
N LEU B 306 -16.15 -14.26 16.62
CA LEU B 306 -17.11 -13.15 16.52
C LEU B 306 -16.59 -12.03 15.61
N ALA B 307 -15.30 -11.70 15.71
CA ALA B 307 -14.76 -10.64 14.86
C ALA B 307 -14.67 -11.09 13.40
N SER B 308 -14.32 -12.35 13.18
CA SER B 308 -14.25 -12.85 11.80
C SER B 308 -15.62 -12.94 11.15
N LEU B 309 -16.68 -13.02 11.93
CA LEU B 309 -18.03 -13.04 11.41
C LEU B 309 -18.62 -11.63 11.29
N GLY B 310 -17.79 -10.60 11.40
CA GLY B 310 -18.21 -9.23 11.18
C GLY B 310 -18.62 -8.44 12.40
N GLY B 311 -18.37 -8.95 13.61
CA GLY B 311 -18.77 -8.24 14.80
C GLY B 311 -17.74 -7.20 15.26
N ASP B 312 -18.25 -6.25 16.05
CA ASP B 312 -17.47 -5.21 16.72
C ASP B 312 -17.17 -5.75 18.12
N VAL B 313 -15.93 -6.19 18.35
CA VAL B 313 -15.58 -7.00 19.53
C VAL B 313 -14.48 -6.33 20.32
N THR B 314 -14.65 -6.28 21.66
CA THR B 314 -13.65 -5.80 22.59
C THR B 314 -13.43 -6.86 23.66
N VAL B 315 -12.18 -7.04 24.07
CA VAL B 315 -11.80 -7.96 25.14
C VAL B 315 -11.22 -7.15 26.28
N MET B 316 -11.76 -7.34 27.49
CA MET B 316 -11.29 -6.65 28.69
C MET B 316 -10.38 -7.56 29.49
N VAL B 317 -9.10 -7.19 29.61
CA VAL B 317 -8.04 -8.04 30.14
C VAL B 317 -7.60 -7.52 31.52
N ARG B 318 -7.79 -8.34 32.56
CA ARG B 318 -7.39 -7.93 33.91
C ARG B 318 -5.88 -7.75 34.02
N SER B 319 -5.10 -8.74 33.59
CA SER B 319 -3.64 -8.70 33.70
C SER B 319 -2.94 -9.16 32.43
N ILE B 320 -2.90 -10.47 32.16
CA ILE B 320 -2.22 -11.03 31.00
C ILE B 320 -3.19 -11.92 30.20
N LEU B 321 -2.79 -12.22 28.97
CA LEU B 321 -3.48 -13.18 28.11
C LEU B 321 -3.00 -14.60 28.40
N LEU B 322 -3.94 -15.56 28.45
CA LEU B 322 -3.62 -17.00 28.56
C LEU B 322 -2.66 -17.31 29.71
N ARG B 323 -3.01 -16.84 30.91
CA ARG B 323 -2.23 -17.19 32.10
C ARG B 323 -2.00 -18.69 32.19
N GLY B 324 -0.74 -19.08 32.42
CA GLY B 324 -0.36 -20.48 32.47
C GLY B 324 0.14 -21.07 31.16
N PHE B 325 -0.05 -20.39 30.03
CA PHE B 325 0.59 -20.76 28.77
C PHE B 325 1.85 -19.93 28.57
N ASP B 326 2.76 -20.42 27.72
CA ASP B 326 3.96 -19.68 27.31
C ASP B 326 3.62 -18.24 26.89
N GLN B 327 4.22 -17.27 27.60
CA GLN B 327 3.77 -15.89 27.44
C GLN B 327 4.30 -15.23 26.16
N GLN B 328 5.44 -15.67 25.63
CA GLN B 328 5.84 -15.18 24.31
C GLN B 328 4.79 -15.58 23.28
N MET B 329 4.38 -16.85 23.30
CA MET B 329 3.36 -17.33 22.36
C MET B 329 2.01 -16.63 22.59
N ALA B 330 1.64 -16.41 23.86
CA ALA B 330 0.38 -15.73 24.15
C ALA B 330 0.36 -14.32 23.60
N GLU B 331 1.48 -13.60 23.70
CA GLU B 331 1.53 -12.24 23.16
C GLU B 331 1.49 -12.25 21.63
N LYS B 332 2.09 -13.25 20.97
CA LYS B 332 1.98 -13.33 19.52
C LYS B 332 0.54 -13.62 19.09
N VAL B 333 -0.16 -14.49 19.83
CA VAL B 333 -1.57 -14.76 19.55
C VAL B 333 -2.39 -13.47 19.63
N GLY B 334 -2.21 -12.70 20.71
CA GLY B 334 -3.01 -11.49 20.89
C GLY B 334 -2.68 -10.39 19.90
N ASP B 335 -1.40 -10.23 19.56
CA ASP B 335 -0.98 -9.27 18.55
C ASP B 335 -1.64 -9.56 17.20
N TYR B 336 -1.74 -10.84 16.82
CA TYR B 336 -2.41 -11.18 15.58
C TYR B 336 -3.89 -10.77 15.63
N MET B 337 -4.57 -11.05 16.73
CA MET B 337 -5.99 -10.70 16.83
C MET B 337 -6.19 -9.20 16.77
N GLU B 338 -5.31 -8.43 17.43
CA GLU B 338 -5.43 -6.97 17.43
C GLU B 338 -5.19 -6.38 16.04
N ASN B 339 -4.30 -6.99 15.26
CA ASN B 339 -4.06 -6.51 13.91
C ASN B 339 -5.17 -6.92 12.96
N HIS B 340 -5.97 -7.92 13.33
CA HIS B 340 -7.05 -8.43 12.49
C HIS B 340 -8.41 -8.18 13.13
N GLY B 341 -8.59 -7.03 13.77
CA GLY B 341 -9.91 -6.52 14.09
C GLY B 341 -10.51 -6.82 15.44
N VAL B 342 -9.71 -7.23 16.44
CA VAL B 342 -10.18 -7.36 17.82
C VAL B 342 -9.58 -6.22 18.64
N LYS B 343 -10.42 -5.50 19.37
CA LYS B 343 -9.95 -4.44 20.28
C LYS B 343 -9.70 -4.98 21.68
N PHE B 344 -8.70 -4.41 22.36
CA PHE B 344 -8.32 -4.84 23.70
C PHE B 344 -8.32 -3.66 24.68
N ALA B 345 -8.97 -3.85 25.82
CA ALA B 345 -8.90 -2.93 26.96
C ALA B 345 -8.02 -3.59 28.03
N LYS B 346 -6.76 -3.19 28.09
CA LYS B 346 -5.74 -3.89 28.86
C LYS B 346 -5.62 -3.33 30.28
N LEU B 347 -5.30 -4.22 31.23
CA LEU B 347 -5.17 -3.87 32.65
C LEU B 347 -6.44 -3.19 33.18
N CYS B 348 -7.59 -3.86 32.98
CA CYS B 348 -8.91 -3.27 33.21
C CYS B 348 -9.85 -4.32 33.78
N VAL B 349 -10.74 -3.90 34.69
CA VAL B 349 -11.74 -4.80 35.26
C VAL B 349 -13.08 -4.10 35.31
N PRO B 350 -14.18 -4.88 35.29
CA PRO B 350 -15.52 -4.27 35.32
C PRO B 350 -16.01 -4.02 36.72
N ASP B 351 -16.71 -2.89 36.90
CA ASP B 351 -17.36 -2.57 38.17
C ASP B 351 -18.88 -2.78 38.11
N ILE B 353 -22.58 -3.41 35.37
CA ILE B 353 -23.39 -3.49 34.16
C ILE B 353 -24.79 -2.91 34.38
N LYS B 354 -25.16 -1.87 33.63
CA LYS B 354 -26.47 -1.24 33.72
C LYS B 354 -27.27 -1.59 32.47
N GLN B 355 -28.57 -1.86 32.62
CA GLN B 355 -29.40 -2.17 31.47
C GLN B 355 -29.99 -0.89 30.89
N LEU B 356 -29.80 -0.70 29.59
CA LEU B 356 -30.40 0.41 28.82
C LEU B 356 -31.60 -0.03 27.98
N LYS B 357 -31.57 -1.24 27.41
CA LYS B 357 -32.69 -1.82 26.68
C LYS B 357 -32.80 -3.30 27.03
N VAL B 358 -34.04 -3.79 27.20
CA VAL B 358 -34.31 -5.20 27.42
C VAL B 358 -34.15 -5.94 26.09
N VAL B 359 -33.71 -7.20 26.17
CA VAL B 359 -33.60 -8.04 24.96
C VAL B 359 -34.95 -8.12 24.24
N ASP B 360 -34.93 -7.86 22.92
CA ASP B 360 -36.13 -7.85 22.08
C ASP B 360 -36.41 -9.27 21.59
N THR B 361 -37.03 -10.06 22.48
CA THR B 361 -37.30 -11.45 22.17
C THR B 361 -38.31 -11.60 21.05
N GLU B 362 -39.15 -10.59 20.81
CA GLU B 362 -40.05 -10.59 19.66
C GLU B 362 -39.27 -10.59 18.36
N ASN B 363 -38.67 -9.44 18.03
CA ASN B 363 -37.99 -9.19 16.76
C ASN B 363 -36.57 -9.74 16.72
N ASN B 364 -36.17 -10.56 17.70
CA ASN B 364 -34.93 -11.32 17.63
C ASN B 364 -33.71 -10.39 17.56
N LYS B 365 -33.62 -9.52 18.57
CA LYS B 365 -32.59 -8.49 18.65
C LYS B 365 -32.05 -8.46 20.08
N PRO B 366 -30.75 -8.19 20.24
CA PRO B 366 -30.20 -8.01 21.59
C PRO B 366 -30.73 -6.74 22.23
N GLY B 367 -30.48 -6.61 23.53
CA GLY B 367 -30.71 -5.35 24.24
C GLY B 367 -29.57 -4.38 24.09
N LEU B 368 -29.33 -3.60 25.15
CA LEU B 368 -28.29 -2.58 25.17
C LEU B 368 -27.86 -2.34 26.61
N LEU B 369 -26.55 -2.26 26.83
CA LEU B 369 -25.97 -2.25 28.17
C LEU B 369 -24.94 -1.14 28.28
N LEU B 370 -24.75 -0.63 29.51
CA LEU B 370 -23.69 0.30 29.85
C LEU B 370 -22.73 -0.37 30.81
N VAL B 371 -21.46 -0.49 30.41
CA VAL B 371 -20.44 -1.12 31.23
C VAL B 371 -19.54 -0.03 31.82
N LYS B 372 -19.34 -0.08 33.14
CA LYS B 372 -18.45 0.84 33.83
C LYS B 372 -17.38 0.04 34.55
N GLY B 373 -16.12 0.49 34.44
CA GLY B 373 -15.01 -0.21 35.05
C GLY B 373 -13.84 0.73 35.29
N HIS B 374 -12.68 0.15 35.61
CA HIS B 374 -11.50 0.98 35.86
C HIS B 374 -10.21 0.21 35.60
N TYR B 375 -9.15 0.95 35.27
CA TYR B 375 -7.83 0.42 35.01
C TYR B 375 -6.98 0.36 36.30
N THR B 376 -5.88 -0.41 36.24
CA THR B 376 -5.12 -0.67 37.45
C THR B 376 -4.43 0.58 37.99
N ASP B 377 -4.32 1.64 37.20
CA ASP B 377 -3.75 2.88 37.70
C ASP B 377 -4.81 3.80 38.29
N GLY B 378 -6.09 3.47 38.14
CA GLY B 378 -7.20 4.25 38.70
C GLY B 378 -8.08 4.93 37.67
N LYS B 379 -7.62 5.10 36.44
CA LYS B 379 -8.43 5.71 35.39
C LYS B 379 -9.71 4.90 35.15
N LYS B 380 -10.68 5.52 34.49
CA LYS B 380 -12.03 4.96 34.36
C LYS B 380 -12.29 4.37 32.98
N PHE B 381 -13.15 3.35 32.94
CA PHE B 381 -13.69 2.77 31.72
C PHE B 381 -15.22 2.94 31.74
N GLU B 382 -15.78 3.40 30.62
CA GLU B 382 -17.23 3.52 30.46
C GLU B 382 -17.57 3.46 28.98
N GLU B 383 -18.41 2.49 28.58
CA GLU B 383 -18.76 2.26 27.18
C GLU B 383 -20.00 1.38 27.09
N GLU B 384 -20.77 1.57 26.02
CA GLU B 384 -22.01 0.82 25.78
C GLU B 384 -21.75 -0.39 24.87
N PHE B 385 -22.49 -1.48 25.13
CA PHE B 385 -22.39 -2.70 24.34
C PHE B 385 -23.78 -3.33 24.23
N GLU B 386 -23.98 -4.10 23.16
CA GLU B 386 -25.23 -4.84 23.01
C GLU B 386 -25.21 -6.17 23.76
N THR B 387 -24.05 -6.83 23.84
CA THR B 387 -23.88 -8.11 24.52
C THR B 387 -22.62 -8.07 25.38
N VAL B 388 -22.69 -8.61 26.60
CA VAL B 388 -21.52 -8.75 27.45
C VAL B 388 -21.36 -10.23 27.81
N ILE B 389 -20.21 -10.81 27.46
CA ILE B 389 -19.92 -12.23 27.69
C ILE B 389 -18.85 -12.34 28.77
N PHE B 390 -19.16 -13.09 29.83
CA PHE B 390 -18.21 -13.34 30.91
C PHE B 390 -17.51 -14.67 30.66
N ALA B 391 -16.17 -14.63 30.61
CA ALA B 391 -15.33 -15.83 30.52
C ALA B 391 -14.19 -15.66 31.54
N VAL B 392 -14.55 -15.77 32.83
CA VAL B 392 -13.61 -15.53 33.92
C VAL B 392 -13.38 -16.80 34.73
N GLY B 393 -13.46 -17.95 34.09
CA GLY B 393 -13.15 -19.21 34.73
C GLY B 393 -14.38 -20.07 34.94
N ARG B 394 -14.12 -21.31 35.39
CA ARG B 394 -15.15 -22.32 35.61
C ARG B 394 -14.88 -23.01 36.94
N GLU B 395 -15.92 -23.58 37.55
CA GLU B 395 -15.78 -24.20 38.87
C GLU B 395 -16.78 -25.33 39.02
N PRO B 396 -16.47 -26.34 39.81
CA PRO B 396 -17.45 -27.38 40.13
C PRO B 396 -18.30 -26.89 41.30
N GLN B 397 -19.36 -27.60 41.56
CA GLN B 397 -20.12 -27.25 42.74
C GLN B 397 -20.52 -28.56 43.39
N LEU B 398 -19.53 -29.22 44.00
CA LEU B 398 -19.72 -30.57 44.51
C LEU B 398 -20.61 -30.61 45.73
N SER B 399 -20.91 -29.46 46.35
CA SER B 399 -21.93 -29.45 47.39
C SER B 399 -23.30 -29.83 46.82
N LYS B 400 -23.57 -29.56 45.53
CA LYS B 400 -24.79 -30.05 44.90
C LYS B 400 -24.81 -31.56 44.78
N VAL B 401 -23.64 -32.20 44.74
CA VAL B 401 -23.52 -33.58 44.28
C VAL B 401 -23.24 -34.53 45.43
N LEU B 402 -22.60 -34.02 46.48
CA LEU B 402 -21.84 -34.86 47.40
C LEU B 402 -22.08 -34.41 48.83
N CYS B 403 -22.79 -35.23 49.61
CA CYS B 403 -23.03 -34.90 51.00
C CYS B 403 -21.72 -35.01 51.79
N GLU B 404 -21.41 -33.99 52.59
CA GLU B 404 -20.11 -33.92 53.24
C GLU B 404 -19.90 -35.04 54.25
N THR B 405 -20.99 -35.65 54.74
CA THR B 405 -20.84 -36.75 55.68
C THR B 405 -20.32 -38.02 55.02
N VAL B 406 -20.37 -38.12 53.69
CA VAL B 406 -19.93 -39.34 53.03
C VAL B 406 -18.44 -39.57 53.23
N GLY B 407 -17.65 -38.50 53.29
CA GLY B 407 -16.23 -38.62 53.56
C GLY B 407 -15.30 -38.47 52.37
N VAL B 408 -15.77 -37.86 51.29
CA VAL B 408 -14.93 -37.66 50.09
C VAL B 408 -14.20 -36.34 50.25
N LYS B 409 -12.86 -36.39 50.26
CA LYS B 409 -12.02 -35.23 50.53
C LYS B 409 -11.89 -34.34 49.30
N LEU B 410 -12.04 -33.02 49.51
CA LEU B 410 -11.90 -32.03 48.46
C LEU B 410 -10.70 -31.12 48.77
N ASP B 411 -10.20 -30.45 47.73
CA ASP B 411 -9.10 -29.51 47.95
C ASP B 411 -9.66 -28.11 48.17
N LYS B 412 -8.77 -27.10 48.24
CA LYS B 412 -9.18 -25.74 48.54
C LYS B 412 -10.00 -25.10 47.43
N ASN B 413 -9.95 -25.67 46.22
CA ASN B 413 -10.74 -25.20 45.09
C ASN B 413 -12.03 -25.97 44.89
N GLY B 414 -12.32 -26.95 45.74
CA GLY B 414 -13.54 -27.73 45.61
C GLY B 414 -13.45 -28.91 44.67
N ARG B 415 -12.25 -29.31 44.24
CA ARG B 415 -12.05 -30.47 43.38
C ARG B 415 -11.67 -31.69 44.22
N VAL B 416 -11.91 -32.89 43.66
CA VAL B 416 -11.79 -34.14 44.41
C VAL B 416 -10.33 -34.60 44.43
N VAL B 417 -9.83 -34.91 45.62
CA VAL B 417 -8.46 -35.39 45.79
C VAL B 417 -8.43 -36.88 45.54
N CYS B 418 -7.61 -37.31 44.56
CA CYS B 418 -7.61 -38.69 44.11
C CYS B 418 -6.21 -39.27 44.08
N THR B 419 -6.16 -40.58 44.22
CA THR B 419 -4.97 -41.38 43.98
C THR B 419 -4.71 -41.47 42.47
N ASP B 420 -3.55 -42.01 42.12
CA ASP B 420 -3.16 -42.11 40.71
C ASP B 420 -4.01 -43.12 39.93
N ASP B 421 -4.93 -43.82 40.59
CA ASP B 421 -5.91 -44.66 39.92
C ASP B 421 -7.33 -44.12 40.09
N GLU B 422 -7.47 -42.82 40.32
CA GLU B 422 -8.73 -42.08 40.40
C GLU B 422 -9.56 -42.41 41.65
N GLN B 423 -9.01 -43.14 42.62
CA GLN B 423 -9.75 -43.46 43.85
C GLN B 423 -9.82 -42.25 44.79
N THR B 424 -11.01 -42.05 45.38
CA THR B 424 -11.21 -40.99 46.38
C THR B 424 -10.80 -41.54 47.76
N THR B 425 -11.07 -40.75 48.81
CA THR B 425 -10.87 -41.19 50.19
C THR B 425 -11.93 -42.21 50.65
N VAL B 426 -12.91 -42.53 49.81
CA VAL B 426 -13.88 -43.59 50.06
C VAL B 426 -13.63 -44.70 49.04
N SER B 427 -13.44 -45.93 49.54
CA SER B 427 -12.74 -46.96 48.76
C SER B 427 -13.45 -47.35 47.46
N ASN B 428 -14.78 -47.27 47.42
CA ASN B 428 -15.55 -47.67 46.23
C ASN B 428 -15.96 -46.50 45.34
N VAL B 429 -15.51 -45.28 45.63
CA VAL B 429 -15.91 -44.07 44.91
C VAL B 429 -14.70 -43.49 44.21
N TYR B 430 -14.88 -43.11 42.93
CA TYR B 430 -13.83 -42.60 42.06
C TYR B 430 -14.29 -41.29 41.43
N ALA B 431 -13.32 -40.51 40.93
CA ALA B 431 -13.64 -39.26 40.24
C ALA B 431 -12.78 -39.13 38.98
N ILE B 432 -13.40 -38.64 37.90
CA ILE B 432 -12.73 -38.48 36.61
C ILE B 432 -13.09 -37.13 36.00
N GLY B 433 -12.26 -36.70 35.04
CA GLY B 433 -12.57 -35.48 34.29
C GLY B 433 -12.22 -34.20 35.04
N ASP B 434 -12.99 -33.13 34.76
CA ASP B 434 -12.61 -31.80 35.23
C ASP B 434 -12.61 -31.67 36.76
N ILE B 435 -13.37 -32.51 37.49
CA ILE B 435 -13.39 -32.39 38.95
C ILE B 435 -12.25 -33.14 39.65
N ASN B 436 -11.40 -33.85 38.92
CA ASN B 436 -10.26 -34.55 39.51
C ASN B 436 -9.13 -33.53 39.74
N ALA B 437 -8.78 -33.29 41.02
CA ALA B 437 -7.88 -32.19 41.33
C ALA B 437 -6.51 -32.37 40.68
N GLY B 438 -5.98 -31.29 40.09
CA GLY B 438 -4.62 -31.30 39.59
C GLY B 438 -4.44 -31.85 38.18
N LYS B 439 -5.51 -32.36 37.52
CA LYS B 439 -5.34 -32.95 36.20
C LYS B 439 -5.70 -31.95 35.10
N PRO B 440 -5.14 -32.11 33.89
CA PRO B 440 -5.53 -31.24 32.78
C PRO B 440 -7.01 -31.38 32.46
N GLN B 441 -7.67 -30.25 32.25
CA GLN B 441 -9.12 -30.24 32.09
C GLN B 441 -9.44 -30.24 30.60
N LEU B 442 -9.42 -31.44 30.02
CA LEU B 442 -9.56 -31.64 28.56
C LEU B 442 -10.43 -32.86 28.28
N THR B 443 -11.15 -32.82 27.15
CA THR B 443 -12.06 -33.92 26.84
C THR B 443 -11.34 -35.24 26.60
N PRO B 444 -10.27 -35.32 25.79
CA PRO B 444 -9.63 -36.64 25.60
C PRO B 444 -9.00 -37.19 26.87
N VAL B 445 -8.58 -36.35 27.80
CA VAL B 445 -8.12 -36.85 29.10
C VAL B 445 -9.26 -37.51 29.88
N ALA B 446 -10.42 -36.85 29.94
CA ALA B 446 -11.57 -37.43 30.65
C ALA B 446 -11.98 -38.78 30.04
N ILE B 447 -11.94 -38.89 28.71
CA ILE B 447 -12.34 -40.13 28.03
C ILE B 447 -11.36 -41.25 28.34
N GLN B 448 -10.06 -40.96 28.25
CA GLN B 448 -9.05 -41.97 28.57
C GLN B 448 -9.14 -42.42 30.03
N ALA B 449 -9.29 -41.46 30.96
CA ALA B 449 -9.39 -41.83 32.37
C ALA B 449 -10.61 -42.72 32.62
N GLY B 450 -11.74 -42.36 32.01
CA GLY B 450 -12.96 -43.14 32.20
C GLY B 450 -12.89 -44.55 31.63
N ARG B 451 -12.37 -44.69 30.40
CA ARG B 451 -12.28 -46.03 29.81
C ARG B 451 -11.25 -46.90 30.54
N TYR B 452 -10.09 -46.31 30.88
CA TYR B 452 -9.05 -47.11 31.54
C TYR B 452 -9.51 -47.57 32.92
N LEU B 453 -10.25 -46.71 33.65
CA LEU B 453 -10.78 -47.06 34.98
C LEU B 453 -11.78 -48.21 34.89
N ALA B 454 -12.73 -48.11 33.94
CA ALA B 454 -13.73 -49.18 33.80
C ALA B 454 -13.08 -50.53 33.57
N ARG B 455 -11.98 -50.57 32.83
CA ARG B 455 -11.28 -51.82 32.56
C ARG B 455 -10.58 -52.35 33.81
N ARG B 456 -10.01 -51.47 34.63
CA ARG B 456 -9.42 -51.92 35.88
C ARG B 456 -10.48 -52.47 36.82
N LEU B 457 -11.66 -51.84 36.88
CA LEU B 457 -12.69 -52.27 37.82
C LEU B 457 -13.33 -53.60 37.39
N PHE B 458 -13.55 -53.79 36.09
CA PHE B 458 -14.43 -54.88 35.67
C PHE B 458 -13.78 -55.88 34.71
N ALA B 459 -12.53 -55.67 34.30
CA ALA B 459 -11.86 -56.63 33.42
C ALA B 459 -10.47 -57.02 33.91
N GLY B 460 -10.10 -56.68 35.15
CA GLY B 460 -8.79 -57.05 35.63
C GLY B 460 -7.62 -56.35 34.98
N ALA B 461 -7.85 -55.19 34.34
CA ALA B 461 -6.71 -54.51 33.74
C ALA B 461 -5.89 -53.79 34.81
N THR B 462 -4.66 -53.42 34.44
CA THR B 462 -3.77 -52.71 35.34
C THR B 462 -3.34 -51.33 34.84
N GLU B 463 -3.54 -51.01 33.57
CA GLU B 463 -2.97 -49.80 32.97
C GLU B 463 -3.60 -48.53 33.57
N LEU B 464 -2.74 -47.59 33.94
CA LEU B 464 -3.13 -46.29 34.47
C LEU B 464 -3.13 -45.24 33.35
N THR B 465 -3.87 -44.16 33.56
CA THR B 465 -3.83 -43.00 32.66
C THR B 465 -2.58 -42.16 32.95
N ASP B 466 -1.87 -41.76 31.89
CA ASP B 466 -0.67 -40.91 32.01
C ASP B 466 -1.06 -39.46 31.71
N TYR B 467 -0.97 -38.60 32.72
CA TYR B 467 -1.40 -37.21 32.61
C TYR B 467 -0.28 -36.23 32.23
N SER B 468 0.93 -36.71 31.91
CA SER B 468 2.04 -35.81 31.65
C SER B 468 2.19 -35.48 30.17
N ASN B 469 2.66 -34.26 29.90
CA ASN B 469 2.95 -33.80 28.53
C ASN B 469 1.75 -33.97 27.59
N VAL B 470 0.55 -33.66 28.08
CA VAL B 470 -0.65 -33.74 27.24
C VAL B 470 -0.70 -32.49 26.35
N ALA B 471 -0.76 -32.71 25.03
CA ALA B 471 -0.74 -31.62 24.07
C ALA B 471 -2.07 -30.85 24.07
N THR B 472 -2.00 -29.58 23.67
CA THR B 472 -3.14 -28.66 23.65
C THR B 472 -3.16 -27.90 22.33
N THR B 473 -4.35 -27.37 21.98
CA THR B 473 -4.40 -26.35 20.93
C THR B 473 -5.47 -25.32 21.24
N VAL B 474 -5.09 -24.04 21.13
CA VAL B 474 -6.00 -22.90 21.28
C VAL B 474 -6.44 -22.48 19.89
N PHE B 475 -7.76 -22.51 19.64
CA PHE B 475 -8.30 -22.26 18.29
C PHE B 475 -8.71 -20.80 18.09
N THR B 476 -7.74 -19.91 18.34
CA THR B 476 -7.83 -18.50 18.00
C THR B 476 -7.68 -18.32 16.48
N PRO B 477 -7.95 -17.10 15.94
CA PRO B 477 -7.93 -16.93 14.47
C PRO B 477 -6.66 -17.45 13.81
N LEU B 478 -5.50 -17.19 14.38
CA LEU B 478 -4.28 -17.95 14.09
C LEU B 478 -4.07 -18.90 15.26
N GLU B 479 -4.07 -20.21 15.00
CA GLU B 479 -4.10 -21.23 16.04
C GLU B 479 -2.73 -21.43 16.70
N TYR B 480 -2.76 -21.89 17.96
CA TYR B 480 -1.54 -22.08 18.79
C TYR B 480 -1.55 -23.48 19.42
N GLY B 481 -0.63 -24.34 18.96
CA GLY B 481 -0.50 -25.69 19.48
C GLY B 481 0.73 -25.82 20.37
N ALA B 482 0.63 -26.68 21.40
CA ALA B 482 1.76 -26.82 22.31
C ALA B 482 1.79 -28.22 22.93
N CYS B 483 2.99 -28.68 23.27
CA CYS B 483 3.16 -29.94 24.01
C CYS B 483 4.38 -29.81 24.92
N GLY B 484 4.17 -29.95 26.22
CA GLY B 484 5.27 -29.87 27.20
C GLY B 484 5.36 -28.51 27.88
N LEU B 485 6.56 -28.20 28.37
CA LEU B 485 6.79 -26.99 29.17
C LEU B 485 6.83 -25.72 28.33
N SER B 486 6.32 -24.63 28.92
CA SER B 486 6.65 -23.32 28.38
C SER B 486 8.13 -23.02 28.62
N GLU B 487 8.64 -22.04 27.87
CA GLU B 487 10.04 -21.65 28.00
C GLU B 487 10.33 -21.15 29.41
N GLU B 488 9.45 -20.32 29.98
CA GLU B 488 9.72 -19.78 31.32
C GLU B 488 9.68 -20.87 32.39
N ASP B 489 8.78 -21.85 32.26
CA ASP B 489 8.78 -22.95 33.24
C ASP B 489 10.03 -23.82 33.12
N ALA B 490 10.52 -24.04 31.90
CA ALA B 490 11.76 -24.78 31.73
C ALA B 490 12.95 -24.05 32.35
N ILE B 491 13.02 -22.73 32.12
CA ILE B 491 14.14 -21.96 32.69
C ILE B 491 14.04 -21.95 34.21
N GLU B 492 12.83 -21.86 34.76
CA GLU B 492 12.68 -21.84 36.21
C GLU B 492 13.11 -23.18 36.82
N LYS B 493 12.84 -24.29 36.13
CA LYS B 493 13.10 -25.62 36.68
C LYS B 493 14.56 -26.06 36.55
N TYR B 494 15.25 -25.65 35.48
CA TYR B 494 16.60 -26.12 35.22
C TYR B 494 17.67 -25.02 35.19
N GLY B 495 17.27 -23.75 35.12
CA GLY B 495 18.25 -22.69 35.00
C GLY B 495 18.52 -22.30 33.55
N ASP B 496 18.74 -21.00 33.31
CA ASP B 496 18.87 -20.50 31.95
C ASP B 496 20.05 -21.13 31.19
N LYS B 497 21.16 -21.39 31.87
CA LYS B 497 22.34 -21.91 31.18
C LYS B 497 22.15 -23.36 30.74
N ASP B 498 21.19 -24.08 31.30
CA ASP B 498 20.89 -25.43 30.86
C ASP B 498 19.78 -25.52 29.82
N ILE B 499 19.27 -24.38 29.34
CA ILE B 499 18.16 -24.37 28.36
C ILE B 499 18.68 -23.77 27.05
N GLU B 500 18.43 -24.47 25.94
CA GLU B 500 18.68 -23.99 24.59
C GLU B 500 17.35 -23.95 23.84
N VAL B 501 17.07 -22.85 23.13
CA VAL B 501 15.81 -22.70 22.39
C VAL B 501 16.12 -22.49 20.91
N TYR B 502 15.63 -23.41 20.07
CA TYR B 502 15.72 -23.28 18.61
C TYR B 502 14.41 -22.73 18.06
N HIS B 503 14.48 -21.77 17.13
CA HIS B 503 13.24 -21.14 16.70
C HIS B 503 13.35 -20.61 15.27
N SER B 504 12.18 -20.31 14.68
CA SER B 504 12.08 -19.79 13.33
C SER B 504 10.69 -19.22 13.06
N ASN B 505 10.64 -18.10 12.34
CA ASN B 505 9.38 -17.76 11.65
C ASN B 505 9.21 -18.67 10.43
N PHE B 506 7.98 -18.72 9.93
CA PHE B 506 7.72 -19.38 8.66
C PHE B 506 6.51 -18.73 7.98
N LYS B 507 6.33 -19.03 6.70
CA LYS B 507 5.18 -18.55 5.93
C LYS B 507 4.56 -19.74 5.21
N PRO B 508 3.29 -20.05 5.46
CA PRO B 508 2.64 -21.14 4.71
C PRO B 508 2.68 -20.87 3.21
N LEU B 509 2.94 -21.91 2.42
CA LEU B 509 2.93 -21.72 0.97
C LEU B 509 1.59 -21.16 0.49
N GLU B 510 0.48 -21.59 1.12
CA GLU B 510 -0.85 -21.09 0.80
C GLU B 510 -0.99 -19.57 0.97
N TRP B 511 -0.16 -18.94 1.81
CA TRP B 511 -0.22 -17.50 2.05
C TRP B 511 0.55 -16.66 1.02
N THR B 512 1.33 -17.27 0.13
CA THR B 512 2.17 -16.49 -0.78
C THR B 512 1.34 -15.79 -1.85
N VAL B 513 0.64 -16.57 -2.67
CA VAL B 513 -0.25 -16.01 -3.69
C VAL B 513 -1.34 -15.15 -3.06
N ALA B 514 -1.75 -15.46 -1.82
CA ALA B 514 -2.81 -14.68 -1.17
C ALA B 514 -2.31 -13.37 -0.53
N HIS B 515 -1.00 -13.08 -0.59
CA HIS B 515 -0.45 -11.82 -0.05
C HIS B 515 -0.72 -11.65 1.44
N ARG B 516 -0.64 -12.73 2.21
CA ARG B 516 -0.73 -12.62 3.66
C ARG B 516 0.68 -12.40 4.25
N GLU B 517 0.78 -12.36 5.57
CA GLU B 517 1.95 -11.81 6.26
C GLU B 517 3.16 -12.74 6.19
N ASP B 518 4.37 -12.14 6.12
CA ASP B 518 5.59 -12.93 5.94
C ASP B 518 6.09 -13.58 7.23
N ASN B 519 5.97 -12.88 8.36
CA ASN B 519 6.73 -13.23 9.57
C ASN B 519 5.82 -13.18 10.80
N VAL B 520 4.64 -13.80 10.70
CA VAL B 520 3.75 -13.89 11.85
C VAL B 520 3.68 -15.31 12.40
N CYS B 521 3.68 -16.32 11.53
CA CYS B 521 3.75 -17.70 12.00
C CYS B 521 5.14 -17.95 12.61
N TYR B 522 5.21 -18.84 13.62
CA TYR B 522 6.38 -18.97 14.48
C TYR B 522 6.38 -20.32 15.18
N MET B 523 7.57 -20.91 15.36
CA MET B 523 7.66 -22.17 16.09
C MET B 523 8.98 -22.21 16.85
N LYS B 524 9.00 -22.99 17.93
CA LYS B 524 10.23 -23.12 18.72
C LYS B 524 10.25 -24.47 19.44
N LEU B 525 11.47 -24.95 19.72
CA LEU B 525 11.73 -26.11 20.55
C LEU B 525 12.56 -25.68 21.75
N VAL B 526 12.06 -25.98 22.96
CA VAL B 526 12.73 -25.66 24.22
C VAL B 526 13.42 -26.92 24.70
N CYS B 527 14.77 -26.89 24.81
CA CYS B 527 15.56 -28.10 24.99
C CYS B 527 16.48 -28.00 26.22
N ARG B 528 16.84 -29.17 26.77
CA ARG B 528 17.69 -29.28 27.96
C ARG B 528 19.09 -29.78 27.58
N LYS B 529 20.07 -28.89 27.71
CA LYS B 529 21.43 -29.18 27.25
C LYS B 529 22.03 -30.40 27.95
N SER B 530 21.87 -30.48 29.27
CA SER B 530 22.54 -31.54 30.02
C SER B 530 21.86 -32.90 29.90
N ASP B 531 20.74 -32.99 29.16
CA ASP B 531 20.08 -34.29 28.95
C ASP B 531 19.98 -34.57 27.46
N ASN B 532 21.11 -34.47 26.76
CA ASN B 532 21.19 -34.82 25.34
C ASN B 532 20.28 -33.94 24.48
N MET B 533 20.08 -32.68 24.86
CA MET B 533 19.17 -31.77 24.15
C MET B 533 17.74 -32.34 24.08
N ARG B 534 17.29 -32.94 25.19
CA ARG B 534 15.91 -33.43 25.30
C ARG B 534 14.92 -32.31 24.97
N VAL B 535 13.89 -32.62 24.18
CA VAL B 535 12.85 -31.63 23.87
C VAL B 535 11.91 -31.56 25.07
N LEU B 536 11.94 -30.44 25.80
CA LEU B 536 11.06 -30.24 26.95
C LEU B 536 9.69 -29.68 26.57
N GLY B 537 9.64 -28.84 25.52
CA GLY B 537 8.41 -28.25 25.05
C GLY B 537 8.46 -27.87 23.58
N LEU B 538 7.33 -28.05 22.89
CA LEU B 538 7.15 -27.70 21.49
C LEU B 538 6.02 -26.69 21.37
N HIS B 539 6.22 -25.65 20.55
CA HIS B 539 5.26 -24.55 20.39
C HIS B 539 5.15 -24.14 18.94
N VAL B 540 3.92 -23.99 18.42
CA VAL B 540 3.72 -23.57 17.03
C VAL B 540 2.48 -22.66 16.91
N LEU B 541 2.67 -21.52 16.26
CA LEU B 541 1.61 -20.59 15.91
C LEU B 541 1.45 -20.58 14.40
N GLY B 542 0.28 -21.01 13.90
CA GLY B 542 0.04 -21.12 12.47
C GLY B 542 -1.25 -21.86 12.13
N PRO B 543 -1.58 -21.95 10.84
CA PRO B 543 -2.80 -22.68 10.46
C PRO B 543 -2.68 -24.17 10.77
N ASN B 544 -3.82 -24.79 11.10
CA ASN B 544 -3.89 -26.25 11.36
C ASN B 544 -2.95 -26.67 12.48
N ALA B 545 -2.81 -25.81 13.51
CA ALA B 545 -1.79 -26.07 14.54
C ALA B 545 -2.06 -27.34 15.33
N GLY B 546 -3.33 -27.73 15.48
CA GLY B 546 -3.62 -28.98 16.15
C GLY B 546 -3.20 -30.20 15.35
N GLU B 547 -3.43 -30.17 14.02
CA GLU B 547 -2.96 -31.27 13.19
C GLU B 547 -1.43 -31.32 13.19
N ILE B 548 -0.76 -30.17 13.19
CA ILE B 548 0.71 -30.15 13.23
C ILE B 548 1.21 -30.79 14.54
N THR B 549 0.63 -30.39 15.67
CA THR B 549 1.20 -30.73 16.97
C THR B 549 1.01 -32.20 17.32
N GLN B 550 -0.14 -32.79 16.97
CA GLN B 550 -0.54 -34.08 17.51
C GLN B 550 0.55 -35.15 17.39
N GLY B 551 1.09 -35.34 16.18
CA GLY B 551 2.02 -36.45 15.98
C GLY B 551 3.29 -36.31 16.79
N TYR B 552 3.75 -35.07 17.00
CA TYR B 552 4.94 -34.84 17.82
C TYR B 552 4.70 -35.19 19.28
N ALA B 553 3.44 -35.16 19.76
CA ALA B 553 3.18 -35.57 21.13
C ALA B 553 3.57 -37.03 21.37
N VAL B 554 3.50 -37.88 20.34
CA VAL B 554 3.98 -39.26 20.51
C VAL B 554 5.50 -39.27 20.67
N ALA B 555 6.21 -38.50 19.86
CA ALA B 555 7.67 -38.46 19.99
C ALA B 555 8.11 -37.93 21.35
N ILE B 556 7.43 -36.87 21.84
CA ILE B 556 7.77 -36.29 23.14
C ILE B 556 7.47 -37.28 24.27
N LYS B 557 6.37 -38.04 24.15
CA LYS B 557 6.08 -39.12 25.10
C LYS B 557 7.23 -40.12 25.17
N MET B 558 7.85 -40.46 24.03
CA MET B 558 8.96 -41.40 24.01
C MET B 558 10.31 -40.76 24.27
N GLY B 559 10.36 -39.48 24.59
CA GLY B 559 11.61 -38.83 24.97
C GLY B 559 12.46 -38.28 23.84
N ALA B 560 11.83 -37.66 22.84
CA ALA B 560 12.56 -37.12 21.69
C ALA B 560 13.62 -36.10 22.12
N THR B 561 14.76 -36.13 21.45
CA THR B 561 15.83 -35.14 21.54
C THR B 561 15.88 -34.31 20.26
N LYS B 562 16.66 -33.21 20.29
CA LYS B 562 16.85 -32.42 19.08
C LYS B 562 17.41 -33.25 17.93
N ALA B 563 18.31 -34.20 18.25
CA ALA B 563 18.88 -35.06 17.21
C ALA B 563 17.82 -35.95 16.56
N ASP B 564 16.79 -36.36 17.30
CA ASP B 564 15.71 -37.11 16.67
C ASP B 564 14.98 -36.27 15.63
N PHE B 565 14.73 -34.99 15.94
CA PHE B 565 14.09 -34.10 14.98
C PHE B 565 15.00 -33.86 13.76
N ASP B 566 16.32 -33.75 13.99
CA ASP B 566 17.25 -33.49 12.90
C ASP B 566 17.38 -34.68 11.95
N ARG B 567 17.45 -35.90 12.48
CA ARG B 567 17.61 -37.07 11.60
C ARG B 567 16.33 -37.43 10.85
N THR B 568 15.17 -36.97 11.32
CA THR B 568 13.92 -37.22 10.60
C THR B 568 13.80 -36.25 9.42
N ILE B 569 13.31 -36.74 8.26
CA ILE B 569 13.23 -35.92 7.06
C ILE B 569 11.86 -35.26 6.94
N GLY B 570 11.84 -34.03 6.42
CA GLY B 570 10.58 -33.32 6.26
C GLY B 570 9.72 -33.81 5.09
N ILE B 571 8.41 -33.56 5.20
CA ILE B 571 7.46 -33.68 4.07
C ILE B 571 7.29 -32.29 3.44
N HIS B 572 7.51 -32.19 2.13
CA HIS B 572 7.47 -30.90 1.44
C HIS B 572 6.37 -30.87 0.37
N PRO B 573 5.59 -29.76 0.24
CA PRO B 573 5.61 -28.54 1.05
C PRO B 573 4.56 -28.59 2.17
N THR B 574 4.98 -28.41 3.43
CA THR B 574 4.10 -28.35 4.60
C THR B 574 4.60 -27.28 5.56
N CYS B 575 3.71 -26.80 6.45
CA CYS B 575 4.17 -25.99 7.56
C CYS B 575 4.98 -26.83 8.54
N SER B 576 4.54 -28.07 8.79
CA SER B 576 5.13 -28.87 9.86
C SER B 576 6.60 -29.17 9.63
N GLU B 577 7.02 -29.29 8.37
CA GLU B 577 8.40 -29.70 8.08
C GLU B 577 9.43 -28.73 8.65
N THR B 578 9.04 -27.50 8.98
CA THR B 578 10.00 -26.54 9.53
C THR B 578 10.58 -27.02 10.86
N PHE B 579 9.90 -27.91 11.58
CA PHE B 579 10.44 -28.49 12.81
C PHE B 579 11.65 -29.39 12.56
N THR B 580 11.85 -29.90 11.33
CA THR B 580 12.90 -30.88 11.07
C THR B 580 14.24 -30.25 10.70
N THR B 581 14.29 -28.92 10.50
CA THR B 581 15.53 -28.25 10.10
C THR B 581 15.85 -27.02 10.95
N LEU B 582 15.30 -26.91 12.16
CA LEU B 582 15.58 -25.75 13.00
C LEU B 582 17.05 -25.68 13.37
N HIS B 583 17.62 -24.46 13.39
CA HIS B 583 19.04 -24.32 13.68
C HIS B 583 19.42 -23.02 14.37
N VAL B 584 18.61 -21.95 14.26
CA VAL B 584 18.90 -20.67 14.94
C VAL B 584 18.57 -20.79 16.42
N THR B 585 19.53 -20.47 17.28
CA THR B 585 19.28 -20.47 18.72
C THR B 585 18.97 -19.07 19.21
N LYS B 586 18.22 -18.99 20.32
CA LYS B 586 17.99 -17.69 20.93
C LYS B 586 19.29 -17.10 21.48
N LYS B 587 20.15 -17.95 22.06
CA LYS B 587 21.40 -17.43 22.62
C LYS B 587 22.26 -16.75 21.56
N SER B 588 22.17 -17.20 20.31
CA SER B 588 23.04 -16.70 19.26
C SER B 588 22.71 -15.27 18.86
N GLY B 589 21.51 -14.79 19.15
CA GLY B 589 21.08 -13.47 18.73
C GLY B 589 20.69 -13.34 17.26
N VAL B 590 20.79 -14.42 16.48
CA VAL B 590 20.48 -14.34 15.05
C VAL B 590 18.97 -14.24 14.87
N SER B 591 18.54 -13.45 13.89
CA SER B 591 17.11 -13.22 13.68
C SER B 591 16.42 -14.50 13.24
N PRO B 592 15.19 -14.76 13.74
CA PRO B 592 14.42 -15.91 13.24
C PRO B 592 13.63 -15.66 11.96
N ILE B 593 13.66 -14.46 11.37
CA ILE B 593 12.79 -14.21 10.22
C ILE B 593 13.26 -14.99 9.00
N VAL B 594 12.37 -15.13 8.02
CA VAL B 594 12.61 -16.02 6.90
C VAL B 594 13.21 -15.29 5.72
#